data_6I8G
#
_entry.id   6I8G
#
_cell.length_a   177.504
_cell.length_b   68.232
_cell.length_c   105.273
_cell.angle_alpha   90.00
_cell.angle_beta   123.44
_cell.angle_gamma   90.00
#
_symmetry.space_group_name_H-M   'C 1 2 1'
#
loop_
_entity.id
_entity.type
_entity.pdbx_description
1 polymer 'Protein EDS1L'
2 polymer 'EDS1-specific nanobody'
3 water water
#
loop_
_entity_poly.entity_id
_entity_poly.type
_entity_poly.pdbx_seq_one_letter_code
_entity_poly.pdbx_strand_id
1 'polypeptide(L)'
;MAFEALTGINGDLITRSWSASKQAYLTERYHKEEAGAVVIFAFQPSFSEKDFFDPDNKSSFGEIKLNRVQFPCMRKIGKG
DVATVNEAFLKNLEAVIDPRTSFQASVEMAVRSRKQIVFTGHSSGGATAILATVWYLEKYFIRNPNVYLEPRCVTFGAPL
VGDSIFSHALGREKWSRFFVNFVTRFDIVPRITLARKASVEETLPHVLAQLDPRNSSVQESEQRITEFYTSVMRDTSTVA
NQAVCELTGSAEAILETLSSFLELSPYRPAGTFVFSTEKRLVAVNNSDAILQMLFYTCQASDEQEWSLIPFRSIRDHHSY
EELVQSMGMKLFNHLDGENSIESSLNDLGVSTRGRQYVQAALEEEKKRVENQKKIIQVIQQERFLKKLAWIEDEYKPKCQ
AHKNGYYDSFKVSNEENDFKANVKRAELAGVFDEVLGLLKKCQLPDEFEGDIDWIKLATRYRRLVEPLDIANYHRHLKNE
DTGPYMKRGRPTRYIYAQRGYEHHILKPNGMIAEDVFWNKVNGLNLGLQLEEIQETLKNSGSECGSCFWAEVEELKGKPY
EEVEVRVKTLEGMLREWITAGEVDEKEIFLEGSTFRKWWITLPKNHKSHSPLRDYMMDEITDTLEHHHHHH
;
A
2 'polypeptide(L)'
;QVQLQESGGGLVQAGGSLRLSCATSTHTAGQYTMAWFRQAPGKEREFVAVLRWSDYSTDYANSVKNRFTISRDNAKNTVY
LQMNSLKPEDTAVYYCAAGWPVKVISSADEYINWGQGTQVTVSSAAAYPYDVPDYGSHHHHHH
;
B
#
# COMPACT_ATOMS: atom_id res chain seq x y z
N ALA A 2 -21.23 0.47 10.77
CA ALA A 2 -20.34 -0.64 11.11
C ALA A 2 -19.27 -0.80 10.04
N PHE A 3 -19.67 -1.36 8.89
CA PHE A 3 -18.78 -1.42 7.74
C PHE A 3 -18.44 -0.02 7.25
N GLU A 4 -19.45 0.84 7.13
CA GLU A 4 -19.23 2.19 6.63
C GLU A 4 -18.41 3.03 7.60
N ALA A 5 -18.61 2.83 8.90
CA ALA A 5 -17.85 3.57 9.90
C ALA A 5 -16.37 3.19 9.90
N LEU A 6 -16.02 2.01 9.40
CA LEU A 6 -14.65 1.54 9.40
C LEU A 6 -13.93 1.79 8.08
N THR A 7 -14.61 1.61 6.94
CA THR A 7 -13.98 1.75 5.64
C THR A 7 -14.20 3.11 4.98
N GLY A 8 -15.26 3.82 5.36
CA GLY A 8 -15.53 5.10 4.74
C GLY A 8 -16.12 5.02 3.35
N ILE A 9 -16.69 3.88 2.99
CA ILE A 9 -17.40 3.69 1.72
C ILE A 9 -18.70 2.96 2.00
N ASN A 10 -19.73 3.27 1.23
CA ASN A 10 -21.03 2.64 1.39
C ASN A 10 -21.28 1.65 0.25
N GLY A 11 -22.43 0.99 0.30
CA GLY A 11 -22.74 -0.02 -0.68
C GLY A 11 -22.92 0.54 -2.08
N ASP A 12 -23.45 1.77 -2.19
CA ASP A 12 -23.60 2.39 -3.50
C ASP A 12 -22.25 2.60 -4.15
N LEU A 13 -21.25 3.06 -3.38
CA LEU A 13 -19.92 3.25 -3.95
C LEU A 13 -19.29 1.92 -4.35
N ILE A 14 -19.49 0.87 -3.54
CA ILE A 14 -18.95 -0.44 -3.89
C ILE A 14 -19.59 -0.96 -5.18
N THR A 15 -20.90 -0.76 -5.32
CA THR A 15 -21.59 -1.22 -6.52
C THR A 15 -21.13 -0.46 -7.75
N ARG A 16 -20.99 0.87 -7.64
CA ARG A 16 -20.48 1.65 -8.77
C ARG A 16 -19.04 1.25 -9.10
N SER A 17 -18.25 0.93 -8.08
CA SER A 17 -16.88 0.52 -8.32
C SER A 17 -16.82 -0.81 -9.05
N TRP A 18 -17.65 -1.77 -8.66
CA TRP A 18 -17.67 -3.04 -9.37
C TRP A 18 -18.17 -2.86 -10.80
N SER A 19 -19.19 -2.03 -11.00
CA SER A 19 -19.66 -1.74 -12.34
C SER A 19 -18.55 -1.15 -13.21
N ALA A 20 -17.83 -0.16 -12.68
CA ALA A 20 -16.74 0.44 -13.44
C ALA A 20 -15.60 -0.55 -13.65
N SER A 21 -15.33 -1.43 -12.69
CA SER A 21 -14.28 -2.43 -12.87
C SER A 21 -14.63 -3.42 -13.98
N LYS A 22 -15.90 -3.79 -14.07
CA LYS A 22 -16.33 -4.61 -15.20
C LYS A 22 -16.20 -3.85 -16.51
N GLN A 23 -16.62 -2.58 -16.52
CA GLN A 23 -16.54 -1.78 -17.75
C GLN A 23 -15.11 -1.57 -18.20
N ALA A 24 -14.16 -1.52 -17.26
CA ALA A 24 -12.77 -1.24 -17.60
C ALA A 24 -12.18 -2.28 -18.54
N TYR A 25 -12.79 -3.47 -18.62
CA TYR A 25 -12.32 -4.47 -19.56
C TYR A 25 -12.42 -3.98 -21.00
N LEU A 26 -13.38 -3.10 -21.29
CA LEU A 26 -13.65 -2.67 -22.66
C LEU A 26 -12.92 -1.39 -23.04
N THR A 27 -12.19 -0.77 -22.12
CA THR A 27 -11.49 0.48 -22.39
C THR A 27 -9.99 0.27 -22.30
N GLU A 28 -9.26 1.05 -23.09
CA GLU A 28 -7.80 0.96 -23.10
C GLU A 28 -7.26 1.60 -21.83
N ARG A 29 -6.49 0.82 -21.07
CA ARG A 29 -5.81 1.27 -19.84
C ARG A 29 -6.80 1.58 -18.73
N TYR A 30 -7.68 2.57 -18.91
CA TYR A 30 -8.55 2.96 -17.81
C TYR A 30 -9.88 3.49 -18.34
N HIS A 31 -10.87 3.51 -17.45
CA HIS A 31 -12.22 3.98 -17.67
C HIS A 31 -12.58 4.95 -16.56
N LYS A 32 -13.15 6.10 -16.91
CA LYS A 32 -13.51 7.13 -15.95
C LYS A 32 -15.01 7.28 -15.91
N GLU A 33 -15.59 7.22 -14.71
CA GLU A 33 -17.04 7.31 -14.53
C GLU A 33 -17.35 8.30 -13.44
N GLU A 34 -18.14 9.33 -13.76
CA GLU A 34 -18.56 10.33 -12.79
C GLU A 34 -19.97 9.97 -12.33
N ALA A 35 -20.10 9.56 -11.07
CA ALA A 35 -21.38 9.15 -10.49
C ALA A 35 -21.66 10.03 -9.28
N GLY A 36 -22.49 11.06 -9.49
CA GLY A 36 -22.88 11.95 -8.41
C GLY A 36 -21.71 12.59 -7.69
N ALA A 37 -21.55 12.25 -6.42
CA ALA A 37 -20.49 12.81 -5.58
C ALA A 37 -19.19 12.03 -5.67
N VAL A 38 -19.03 11.16 -6.67
CA VAL A 38 -17.88 10.28 -6.77
C VAL A 38 -17.35 10.30 -8.19
N VAL A 39 -16.03 10.22 -8.35
CA VAL A 39 -15.38 10.05 -9.64
C VAL A 39 -14.51 8.80 -9.56
N ILE A 40 -14.80 7.81 -10.40
CA ILE A 40 -14.22 6.48 -10.32
C ILE A 40 -13.27 6.29 -11.49
N PHE A 41 -12.04 5.87 -11.18
CA PHE A 41 -11.04 5.49 -12.18
C PHE A 41 -10.83 3.99 -12.08
N ALA A 42 -11.44 3.24 -13.00
CA ALA A 42 -11.28 1.80 -13.07
C ALA A 42 -10.20 1.46 -14.08
N PHE A 43 -9.39 0.45 -13.78
CA PHE A 43 -8.23 0.14 -14.60
C PHE A 43 -8.43 -1.19 -15.30
N GLN A 44 -8.12 -1.23 -16.59
CA GLN A 44 -8.27 -2.43 -17.39
C GLN A 44 -7.34 -3.53 -16.90
N PRO A 45 -7.85 -4.66 -16.46
CA PRO A 45 -6.97 -5.75 -16.04
C PRO A 45 -6.48 -6.55 -17.25
N SER A 46 -5.39 -7.27 -17.02
CA SER A 46 -4.76 -8.09 -18.05
C SER A 46 -4.54 -9.49 -17.50
N PHE A 47 -4.57 -10.47 -18.42
CA PHE A 47 -4.40 -11.87 -18.03
C PHE A 47 -3.30 -12.53 -18.86
N SER A 48 -2.32 -11.73 -19.29
CA SER A 48 -1.12 -12.26 -19.91
C SER A 48 -0.04 -12.45 -18.85
N GLU A 49 0.74 -13.53 -19.01
CA GLU A 49 1.80 -13.83 -18.05
C GLU A 49 2.77 -12.67 -17.88
N LYS A 50 3.00 -11.91 -18.95
CA LYS A 50 3.92 -10.78 -18.89
C LYS A 50 3.43 -9.69 -17.94
N ASP A 51 2.15 -9.69 -17.59
CA ASP A 51 1.58 -8.65 -16.75
C ASP A 51 1.51 -9.04 -15.28
N PHE A 52 2.01 -10.22 -14.92
CA PHE A 52 2.19 -10.64 -13.54
C PHE A 52 3.65 -10.76 -13.17
N PHE A 53 4.45 -11.38 -14.03
CA PHE A 53 5.89 -11.49 -13.85
C PHE A 53 6.56 -10.92 -15.11
N ASP A 54 7.25 -9.81 -14.94
CA ASP A 54 7.87 -9.15 -16.08
C ASP A 54 8.91 -10.07 -16.72
N PRO A 55 8.92 -10.21 -18.06
CA PRO A 55 9.91 -11.08 -18.68
C PRO A 55 11.35 -10.65 -18.45
N ASP A 56 11.59 -9.35 -18.29
CA ASP A 56 12.93 -8.83 -18.10
C ASP A 56 13.37 -8.80 -16.64
N ASN A 57 12.46 -9.11 -15.71
CA ASN A 57 12.82 -9.12 -14.29
C ASN A 57 13.54 -10.42 -13.95
N LYS A 58 14.73 -10.30 -13.37
CA LYS A 58 15.57 -11.45 -13.06
C LYS A 58 15.46 -11.90 -11.61
N SER A 59 14.46 -11.42 -10.87
CA SER A 59 14.26 -11.82 -9.49
C SER A 59 13.17 -12.89 -9.40
N SER A 60 13.21 -13.65 -8.30
CA SER A 60 12.40 -14.84 -8.16
C SER A 60 10.91 -14.54 -8.01
N PHE A 61 10.51 -13.29 -7.78
CA PHE A 61 9.11 -12.96 -7.58
C PHE A 61 8.67 -11.76 -8.40
N GLY A 62 9.43 -11.41 -9.45
CA GLY A 62 9.10 -10.26 -10.27
C GLY A 62 9.08 -8.96 -9.50
N GLU A 63 9.83 -8.87 -8.41
CA GLU A 63 9.79 -7.71 -7.54
C GLU A 63 10.85 -6.70 -7.96
N ILE A 64 10.70 -5.47 -7.47
CA ILE A 64 11.63 -4.40 -7.76
C ILE A 64 11.47 -3.32 -6.69
N LYS A 65 12.59 -2.71 -6.31
CA LYS A 65 12.56 -1.66 -5.31
C LYS A 65 11.99 -0.38 -5.90
N LEU A 66 11.16 0.30 -5.11
CA LEU A 66 10.60 1.58 -5.56
C LEU A 66 11.68 2.64 -5.64
N ASN A 67 11.50 3.58 -6.56
CA ASN A 67 12.40 4.71 -6.69
C ASN A 67 12.06 5.76 -5.64
N ARG A 68 13.07 6.16 -4.86
CA ARG A 68 12.83 7.06 -3.73
C ARG A 68 12.38 8.45 -4.18
N VAL A 69 12.64 8.83 -5.42
CA VAL A 69 12.22 10.15 -5.88
C VAL A 69 10.73 10.17 -6.20
N GLN A 70 10.20 9.09 -6.77
CA GLN A 70 8.80 9.05 -7.15
C GLN A 70 7.87 8.66 -6.01
N PHE A 71 8.34 7.83 -5.08
CA PHE A 71 7.55 7.39 -3.92
C PHE A 71 8.36 7.62 -2.65
N PRO A 72 8.59 8.88 -2.27
CA PRO A 72 9.50 9.14 -1.14
C PRO A 72 8.96 8.73 0.21
N CYS A 73 7.65 8.54 0.35
CA CYS A 73 7.09 8.10 1.62
C CYS A 73 7.12 6.59 1.78
N MET A 74 7.20 5.83 0.69
CA MET A 74 7.19 4.37 0.74
C MET A 74 8.58 3.85 1.10
N ARG A 75 8.94 4.03 2.37
CA ARG A 75 10.23 3.58 2.88
C ARG A 75 10.14 3.57 4.40
N LYS A 76 11.15 2.97 5.02
CA LYS A 76 11.34 3.09 6.46
C LYS A 76 12.12 4.37 6.75
N ILE A 77 11.58 5.22 7.61
CA ILE A 77 12.18 6.54 7.82
C ILE A 77 13.57 6.40 8.43
N GLY A 78 13.65 5.84 9.64
CA GLY A 78 14.92 5.75 10.33
C GLY A 78 15.92 4.88 9.60
N LYS A 79 15.47 3.70 9.15
CA LYS A 79 16.40 2.75 8.54
C LYS A 79 16.78 3.18 7.12
N GLY A 80 15.84 3.76 6.38
CA GLY A 80 16.07 4.23 5.04
C GLY A 80 15.63 3.29 3.95
N ASP A 81 15.35 2.02 4.28
CA ASP A 81 15.03 1.03 3.26
C ASP A 81 13.73 1.37 2.55
N VAL A 82 13.78 1.39 1.22
CA VAL A 82 12.61 1.71 0.42
C VAL A 82 11.74 0.46 0.26
N ALA A 83 10.48 0.69 -0.08
CA ALA A 83 9.53 -0.40 -0.28
C ALA A 83 9.78 -1.08 -1.62
N THR A 84 9.22 -2.28 -1.75
CA THR A 84 9.37 -3.10 -2.95
C THR A 84 7.99 -3.45 -3.48
N VAL A 85 7.83 -3.40 -4.80
CA VAL A 85 6.56 -3.68 -5.45
C VAL A 85 6.79 -4.61 -6.64
N ASN A 86 5.70 -5.20 -7.13
CA ASN A 86 5.74 -6.00 -8.34
C ASN A 86 6.08 -5.10 -9.54
N GLU A 87 7.10 -5.50 -10.31
CA GLU A 87 7.57 -4.63 -11.38
C GLU A 87 6.57 -4.53 -12.52
N ALA A 88 5.83 -5.61 -12.81
CA ALA A 88 4.88 -5.57 -13.92
C ALA A 88 3.72 -4.63 -13.61
N PHE A 89 3.17 -4.73 -12.39
CA PHE A 89 2.11 -3.80 -11.98
C PHE A 89 2.63 -2.36 -11.99
N LEU A 90 3.89 -2.17 -11.61
CA LEU A 90 4.45 -0.82 -11.59
C LEU A 90 4.61 -0.27 -13.00
N LYS A 91 5.04 -1.11 -13.94
CA LYS A 91 5.15 -0.68 -15.33
C LYS A 91 3.78 -0.35 -15.90
N ASN A 92 2.76 -1.14 -15.52
CA ASN A 92 1.40 -0.82 -15.97
C ASN A 92 0.95 0.52 -15.43
N LEU A 93 1.20 0.78 -14.13
CA LEU A 93 0.89 2.09 -13.58
C LEU A 93 1.59 3.20 -14.34
N GLU A 94 2.89 3.01 -14.60
CA GLU A 94 3.66 4.04 -15.30
C GLU A 94 3.10 4.28 -16.70
N ALA A 95 2.66 3.22 -17.37
CA ALA A 95 2.06 3.38 -18.69
C ALA A 95 0.72 4.10 -18.61
N VAL A 96 0.02 3.98 -17.49
CA VAL A 96 -1.24 4.71 -17.33
C VAL A 96 -0.98 6.19 -17.05
N ILE A 97 -0.04 6.49 -16.15
CA ILE A 97 0.22 7.88 -15.76
C ILE A 97 1.01 8.65 -16.81
N ASP A 98 1.39 8.02 -17.91
CA ASP A 98 2.09 8.69 -18.99
C ASP A 98 1.31 9.94 -19.41
N PRO A 99 1.97 11.09 -19.58
CA PRO A 99 1.23 12.31 -19.96
C PRO A 99 0.42 12.15 -21.23
N ARG A 100 0.81 11.23 -22.12
CA ARG A 100 0.10 11.05 -23.37
C ARG A 100 -1.22 10.32 -23.22
N THR A 101 -1.58 9.88 -22.01
CA THR A 101 -2.79 9.10 -21.79
C THR A 101 -3.95 9.93 -21.26
N SER A 102 -3.72 11.18 -20.88
CA SER A 102 -4.71 12.09 -20.31
C SER A 102 -5.28 11.60 -18.99
N PHE A 103 -4.68 10.56 -18.39
CA PHE A 103 -5.12 10.11 -17.07
C PHE A 103 -4.87 11.18 -16.02
N GLN A 104 -3.68 11.78 -16.03
CA GLN A 104 -3.32 12.77 -15.03
C GLN A 104 -4.20 14.01 -15.13
N ALA A 105 -4.51 14.45 -16.35
CA ALA A 105 -5.37 15.60 -16.52
C ALA A 105 -6.78 15.32 -16.03
N SER A 106 -7.29 14.10 -16.25
CA SER A 106 -8.59 13.74 -15.72
C SER A 106 -8.57 13.69 -14.19
N VAL A 107 -7.49 13.17 -13.61
CA VAL A 107 -7.39 13.11 -12.16
C VAL A 107 -7.38 14.51 -11.58
N GLU A 108 -6.66 15.44 -12.21
CA GLU A 108 -6.61 16.80 -11.70
C GLU A 108 -7.94 17.52 -11.90
N MET A 109 -8.64 17.24 -13.00
CA MET A 109 -9.98 17.78 -13.19
C MET A 109 -10.93 17.27 -12.11
N ALA A 110 -10.80 15.99 -11.74
CA ALA A 110 -11.61 15.45 -10.64
C ALA A 110 -11.24 16.08 -9.31
N VAL A 111 -9.95 16.36 -9.11
CA VAL A 111 -9.51 17.05 -7.90
C VAL A 111 -10.15 18.43 -7.80
N ARG A 112 -10.19 19.16 -8.92
CA ARG A 112 -10.76 20.50 -8.90
C ARG A 112 -12.25 20.48 -8.53
N SER A 113 -12.97 19.41 -8.88
CA SER A 113 -14.39 19.31 -8.57
C SER A 113 -14.67 18.99 -7.11
N ARG A 114 -13.65 18.61 -6.34
CA ARG A 114 -13.78 18.29 -4.91
C ARG A 114 -14.77 17.15 -4.67
N LYS A 115 -14.85 16.21 -5.61
CA LYS A 115 -15.61 14.99 -5.38
C LYS A 115 -14.70 13.92 -4.77
N GLN A 116 -15.32 12.84 -4.30
CA GLN A 116 -14.56 11.72 -3.76
C GLN A 116 -13.96 10.94 -4.92
N ILE A 117 -12.63 10.98 -5.04
CA ILE A 117 -11.94 10.28 -6.12
C ILE A 117 -11.71 8.84 -5.68
N VAL A 118 -12.06 7.90 -6.55
CA VAL A 118 -12.01 6.48 -6.25
C VAL A 118 -11.22 5.77 -7.34
N PHE A 119 -10.22 5.01 -6.93
CA PHE A 119 -9.46 4.13 -7.80
C PHE A 119 -9.92 2.71 -7.51
N THR A 120 -10.39 2.01 -8.54
CA THR A 120 -10.95 0.68 -8.34
C THR A 120 -10.41 -0.27 -9.38
N GLY A 121 -10.61 -1.56 -9.12
CA GLY A 121 -10.22 -2.54 -10.13
C GLY A 121 -10.43 -4.00 -9.77
N HIS A 122 -10.70 -4.81 -10.79
CA HIS A 122 -10.76 -6.26 -10.66
C HIS A 122 -9.45 -6.87 -11.13
N SER A 123 -8.97 -7.86 -10.39
CA SER A 123 -7.80 -8.67 -10.76
C SER A 123 -6.58 -7.74 -10.83
N SER A 124 -5.73 -7.85 -11.86
CA SER A 124 -4.55 -7.01 -11.95
C SER A 124 -4.91 -5.54 -12.03
N GLY A 125 -6.09 -5.22 -12.60
CA GLY A 125 -6.56 -3.83 -12.55
C GLY A 125 -6.59 -3.30 -11.13
N GLY A 126 -7.16 -4.09 -10.20
CA GLY A 126 -7.09 -3.74 -8.80
C GLY A 126 -5.67 -3.42 -8.36
N ALA A 127 -4.71 -4.28 -8.75
CA ALA A 127 -3.31 -4.00 -8.49
C ALA A 127 -2.96 -2.59 -8.95
N THR A 128 -3.19 -2.29 -10.23
CA THR A 128 -2.93 -0.95 -10.72
C THR A 128 -3.63 0.09 -9.86
N ALA A 129 -4.91 -0.15 -9.55
CA ALA A 129 -5.66 0.77 -8.70
C ALA A 129 -4.87 1.07 -7.43
N ILE A 130 -4.42 0.03 -6.74
CA ILE A 130 -3.61 0.22 -5.53
C ILE A 130 -2.47 1.18 -5.81
N LEU A 131 -1.63 0.84 -6.80
CA LEU A 131 -0.50 1.70 -7.11
C LEU A 131 -0.97 3.10 -7.48
N ALA A 132 -2.03 3.20 -8.28
CA ALA A 132 -2.52 4.52 -8.66
C ALA A 132 -2.82 5.34 -7.43
N THR A 133 -3.50 4.74 -6.45
CA THR A 133 -3.82 5.47 -5.23
C THR A 133 -2.54 5.99 -4.59
N VAL A 134 -1.54 5.12 -4.43
CA VAL A 134 -0.28 5.55 -3.83
C VAL A 134 0.30 6.71 -4.63
N TRP A 135 0.28 6.60 -5.96
CA TRP A 135 0.71 7.70 -6.81
C TRP A 135 0.01 8.98 -6.40
N TYR A 136 -1.32 8.95 -6.38
CA TYR A 136 -2.11 10.10 -5.92
C TYR A 136 -1.60 10.58 -4.57
N LEU A 137 -1.50 9.65 -3.60
CA LEU A 137 -1.12 10.03 -2.25
C LEU A 137 0.24 10.72 -2.23
N GLU A 138 1.16 10.29 -3.10
CA GLU A 138 2.47 10.91 -3.10
C GLU A 138 2.47 12.23 -3.86
N LYS A 139 1.64 12.36 -4.88
CA LYS A 139 1.73 13.51 -5.77
C LYS A 139 0.81 14.65 -5.38
N TYR A 140 -0.32 14.35 -4.75
CA TYR A 140 -1.32 15.38 -4.44
C TYR A 140 -1.65 15.43 -2.96
N PHE A 141 -2.12 14.32 -2.37
CA PHE A 141 -2.68 14.38 -1.02
C PHE A 141 -1.65 14.84 0.01
N ILE A 142 -0.40 14.41 -0.13
CA ILE A 142 0.61 14.79 0.86
C ILE A 142 1.01 16.25 0.69
N ARG A 143 0.87 16.80 -0.51
CA ARG A 143 1.30 18.18 -0.74
C ARG A 143 0.32 19.17 -0.13
N ASN A 144 -0.98 18.91 -0.22
CA ASN A 144 -2.01 19.77 0.33
C ASN A 144 -3.30 18.99 0.52
N PRO A 145 -3.53 18.39 1.69
CA PRO A 145 -4.73 17.58 1.89
C PRO A 145 -6.04 18.39 1.85
N ASN A 146 -5.96 19.72 1.78
CA ASN A 146 -7.18 20.53 1.71
C ASN A 146 -7.70 20.68 0.29
N VAL A 147 -6.82 20.91 -0.68
CA VAL A 147 -7.27 20.99 -2.07
C VAL A 147 -7.15 19.63 -2.77
N TYR A 148 -6.31 18.74 -2.26
CA TYR A 148 -6.18 17.37 -2.78
C TYR A 148 -6.74 16.44 -1.72
N LEU A 149 -7.99 16.00 -1.92
CA LEU A 149 -8.73 15.32 -0.88
C LEU A 149 -8.38 13.83 -0.83
N GLU A 150 -8.85 13.18 0.23
CA GLU A 150 -8.57 11.76 0.45
C GLU A 150 -9.07 10.93 -0.73
N PRO A 151 -8.29 9.96 -1.19
CA PRO A 151 -8.79 8.99 -2.16
C PRO A 151 -9.43 7.79 -1.48
N ARG A 152 -10.18 7.03 -2.26
CA ARG A 152 -10.61 5.71 -1.86
C ARG A 152 -10.11 4.71 -2.89
N CYS A 153 -9.71 3.53 -2.42
CA CYS A 153 -9.23 2.48 -3.31
C CYS A 153 -10.04 1.22 -3.03
N VAL A 154 -10.66 0.67 -4.07
CA VAL A 154 -11.53 -0.50 -3.94
C VAL A 154 -11.09 -1.54 -4.97
N THR A 155 -10.67 -2.70 -4.48
CA THR A 155 -10.18 -3.76 -5.35
C THR A 155 -10.99 -5.03 -5.14
N PHE A 156 -11.14 -5.81 -6.22
CA PHE A 156 -11.88 -7.06 -6.22
C PHE A 156 -10.96 -8.16 -6.75
N GLY A 157 -10.61 -9.11 -5.89
CA GLY A 157 -9.75 -10.21 -6.31
C GLY A 157 -8.40 -9.77 -6.83
N ALA A 158 -7.80 -8.79 -6.18
CA ALA A 158 -6.54 -8.23 -6.66
C ALA A 158 -5.35 -9.05 -6.16
N PRO A 159 -4.29 -9.15 -6.95
CA PRO A 159 -3.05 -9.73 -6.44
C PRO A 159 -2.41 -8.82 -5.42
N LEU A 160 -1.51 -9.40 -4.62
CA LEU A 160 -0.68 -8.59 -3.75
C LEU A 160 0.27 -7.75 -4.58
N VAL A 161 0.60 -6.56 -4.08
CA VAL A 161 1.33 -5.55 -4.82
C VAL A 161 2.68 -5.24 -4.19
N GLY A 162 2.69 -4.93 -2.90
CA GLY A 162 3.89 -4.50 -2.21
C GLY A 162 4.36 -5.50 -1.16
N ASP A 163 5.49 -5.15 -0.55
CA ASP A 163 6.11 -5.98 0.48
C ASP A 163 5.72 -5.45 1.87
N SER A 164 6.44 -5.90 2.90
CA SER A 164 6.11 -5.48 4.26
C SER A 164 6.42 -4.01 4.49
N ILE A 165 7.50 -3.49 3.87
CA ILE A 165 7.80 -2.07 3.99
C ILE A 165 6.73 -1.22 3.31
N PHE A 166 6.17 -1.74 2.21
CA PHE A 166 5.04 -1.07 1.55
C PHE A 166 3.88 -0.87 2.52
N SER A 167 3.43 -1.95 3.15
CA SER A 167 2.32 -1.87 4.11
C SER A 167 2.70 -1.01 5.31
N HIS A 168 3.96 -1.11 5.76
CA HIS A 168 4.41 -0.32 6.91
C HIS A 168 4.35 1.17 6.60
N ALA A 169 4.80 1.57 5.41
CA ALA A 169 4.76 2.98 5.06
C ALA A 169 3.33 3.46 4.89
N LEU A 170 2.46 2.63 4.30
CA LEU A 170 1.04 2.98 4.25
C LEU A 170 0.49 3.21 5.65
N GLY A 171 0.91 2.37 6.61
CA GLY A 171 0.39 2.51 7.96
C GLY A 171 0.93 3.72 8.69
N ARG A 172 2.21 4.04 8.50
CA ARG A 172 2.82 5.16 9.21
C ARG A 172 2.20 6.48 8.77
N GLU A 173 1.94 6.63 7.47
CA GLU A 173 1.29 7.83 6.96
C GLU A 173 -0.21 7.84 7.20
N LYS A 174 -0.74 6.80 7.85
CA LYS A 174 -2.19 6.65 8.07
C LYS A 174 -2.93 6.62 6.75
N TRP A 175 -2.39 5.88 5.77
CA TRP A 175 -2.98 5.75 4.45
C TRP A 175 -3.68 4.42 4.23
N SER A 176 -3.44 3.43 5.07
CA SER A 176 -4.03 2.11 4.87
C SER A 176 -5.54 2.15 4.92
N ARG A 177 -6.10 3.11 5.66
CA ARG A 177 -7.55 3.21 5.79
C ARG A 177 -8.23 3.53 4.47
N PHE A 178 -7.49 4.02 3.47
CA PHE A 178 -8.07 4.36 2.18
C PHE A 178 -8.18 3.16 1.24
N PHE A 179 -7.78 1.96 1.67
CA PHE A 179 -7.71 0.79 0.80
C PHE A 179 -8.64 -0.29 1.33
N VAL A 180 -9.52 -0.79 0.46
CA VAL A 180 -10.44 -1.87 0.77
C VAL A 180 -10.32 -2.91 -0.34
N ASN A 181 -9.88 -4.12 0.03
CA ASN A 181 -9.63 -5.21 -0.90
C ASN A 181 -10.59 -6.36 -0.60
N PHE A 182 -11.60 -6.53 -1.43
CA PHE A 182 -12.52 -7.66 -1.30
C PHE A 182 -11.86 -8.92 -1.83
N VAL A 183 -11.96 -10.01 -1.07
CA VAL A 183 -11.40 -11.30 -1.46
C VAL A 183 -12.45 -12.36 -1.16
N THR A 184 -13.01 -12.97 -2.20
CA THR A 184 -13.83 -14.16 -2.00
C THR A 184 -12.96 -15.28 -1.45
N ARG A 185 -13.58 -16.18 -0.69
CA ARG A 185 -12.83 -17.05 0.20
C ARG A 185 -11.76 -17.85 -0.54
N PHE A 186 -12.09 -18.40 -1.71
CA PHE A 186 -11.19 -19.29 -2.41
C PHE A 186 -10.44 -18.65 -3.57
N ASP A 187 -10.64 -17.36 -3.82
CA ASP A 187 -10.03 -16.71 -4.98
C ASP A 187 -8.51 -16.93 -5.00
N ILE A 188 -8.04 -17.55 -6.07
CA ILE A 188 -6.62 -17.91 -6.17
C ILE A 188 -5.73 -16.72 -6.54
N VAL A 189 -6.30 -15.71 -7.20
CA VAL A 189 -5.47 -14.61 -7.70
C VAL A 189 -4.76 -13.86 -6.58
N PRO A 190 -5.40 -13.52 -5.44
CA PRO A 190 -4.65 -12.87 -4.37
C PRO A 190 -3.50 -13.70 -3.82
N ARG A 191 -3.48 -15.01 -4.09
CA ARG A 191 -2.43 -15.89 -3.59
C ARG A 191 -1.31 -16.13 -4.58
N ILE A 192 -1.44 -15.70 -5.84
CA ILE A 192 -0.51 -16.13 -6.88
C ILE A 192 0.91 -15.64 -6.58
N THR A 193 1.07 -14.32 -6.41
CA THR A 193 2.41 -13.77 -6.20
C THR A 193 3.00 -14.14 -4.84
N LEU A 194 2.30 -14.90 -4.01
CA LEU A 194 2.90 -15.52 -2.84
C LEU A 194 3.75 -16.73 -3.19
N ALA A 195 3.76 -17.13 -4.45
CA ALA A 195 4.52 -18.28 -4.92
C ALA A 195 5.72 -17.81 -5.75
N ARG A 196 6.79 -18.61 -5.72
CA ARG A 196 7.91 -18.37 -6.60
C ARG A 196 7.45 -18.52 -8.05
N LYS A 197 7.84 -17.55 -8.89
CA LYS A 197 7.39 -17.58 -10.28
C LYS A 197 7.85 -18.83 -11.02
N ALA A 198 8.92 -19.47 -10.55
CA ALA A 198 9.33 -20.75 -11.14
C ALA A 198 8.39 -21.89 -10.76
N SER A 199 7.63 -21.75 -9.68
CA SER A 199 6.70 -22.80 -9.27
C SER A 199 5.46 -22.84 -10.16
N VAL A 200 5.19 -21.77 -10.91
CA VAL A 200 3.96 -21.66 -11.68
C VAL A 200 4.26 -21.24 -13.11
N GLU A 201 5.55 -21.17 -13.46
CA GLU A 201 5.94 -20.64 -14.77
C GLU A 201 5.33 -21.43 -15.91
N GLU A 202 5.13 -22.74 -15.73
CA GLU A 202 4.63 -23.58 -16.80
C GLU A 202 3.11 -23.61 -16.87
N THR A 203 2.43 -23.51 -15.73
CA THR A 203 0.98 -23.63 -15.67
C THR A 203 0.26 -22.28 -15.57
N LEU A 204 0.98 -21.18 -15.34
CA LEU A 204 0.34 -19.89 -15.18
C LEU A 204 -0.41 -19.40 -16.42
N PRO A 205 0.10 -19.56 -17.65
CA PRO A 205 -0.66 -19.04 -18.81
C PRO A 205 -2.04 -19.67 -18.96
N HIS A 206 -2.12 -21.00 -18.82
N HIS A 206 -2.13 -21.00 -18.82
CA HIS A 206 -3.41 -21.67 -18.96
CA HIS A 206 -3.42 -21.66 -18.97
C HIS A 206 -4.39 -21.24 -17.88
C HIS A 206 -4.39 -21.25 -17.87
N VAL A 207 -3.91 -21.16 -16.64
CA VAL A 207 -4.79 -20.77 -15.54
C VAL A 207 -5.20 -19.30 -15.67
N LEU A 208 -4.32 -18.45 -16.19
CA LEU A 208 -4.70 -17.06 -16.43
C LEU A 208 -5.74 -16.96 -17.53
N ALA A 209 -5.64 -17.81 -18.56
CA ALA A 209 -6.67 -17.85 -19.59
C ALA A 209 -7.99 -18.32 -19.01
N GLN A 210 -7.94 -19.27 -18.06
CA GLN A 210 -9.16 -19.70 -17.39
C GLN A 210 -9.75 -18.63 -16.50
N LEU A 211 -8.90 -17.81 -15.87
CA LEU A 211 -9.35 -16.76 -14.97
C LEU A 211 -9.86 -15.52 -15.69
N ASP A 212 -9.61 -15.42 -16.99
CA ASP A 212 -10.07 -14.27 -17.76
C ASP A 212 -11.58 -14.32 -17.91
N PRO A 213 -12.32 -13.32 -17.39
CA PRO A 213 -13.79 -13.36 -17.51
C PRO A 213 -14.29 -13.21 -18.94
N ARG A 214 -13.42 -12.87 -19.88
CA ARG A 214 -13.83 -12.66 -21.26
C ARG A 214 -13.73 -13.92 -22.11
N ASN A 215 -13.18 -15.00 -21.57
CA ASN A 215 -12.97 -16.23 -22.33
C ASN A 215 -14.03 -17.26 -21.99
N SER A 216 -14.23 -18.19 -22.93
CA SER A 216 -15.16 -19.31 -22.76
C SER A 216 -14.39 -20.54 -22.33
N SER A 217 -14.97 -21.31 -21.41
CA SER A 217 -14.34 -22.52 -20.89
C SER A 217 -14.78 -23.71 -21.74
N VAL A 218 -13.96 -24.08 -22.71
CA VAL A 218 -14.29 -25.15 -23.65
C VAL A 218 -13.81 -26.49 -23.07
N GLN A 219 -13.94 -26.63 -21.75
CA GLN A 219 -13.46 -27.80 -21.01
C GLN A 219 -12.01 -28.10 -21.35
N GLU A 220 -11.13 -27.24 -20.83
CA GLU A 220 -9.71 -27.32 -21.13
C GLU A 220 -9.03 -28.43 -20.36
N SER A 221 -8.21 -28.09 -19.37
CA SER A 221 -7.41 -29.07 -18.64
C SER A 221 -7.68 -28.94 -17.14
N GLU A 222 -8.19 -30.01 -16.55
CA GLU A 222 -8.36 -30.06 -15.10
C GLU A 222 -7.02 -30.21 -14.39
N GLN A 223 -6.11 -31.00 -14.98
CA GLN A 223 -4.85 -31.32 -14.31
C GLN A 223 -3.99 -30.09 -14.11
N ARG A 224 -3.90 -29.23 -15.13
CA ARG A 224 -3.08 -28.04 -15.00
C ARG A 224 -3.62 -27.10 -13.93
N ILE A 225 -4.95 -27.00 -13.82
CA ILE A 225 -5.56 -26.17 -12.78
C ILE A 225 -5.24 -26.73 -11.39
N THR A 226 -5.37 -28.06 -11.24
CA THR A 226 -5.06 -28.66 -9.94
C THR A 226 -3.59 -28.48 -9.57
N GLU A 227 -2.68 -28.68 -10.54
CA GLU A 227 -1.26 -28.52 -10.26
C GLU A 227 -0.92 -27.08 -9.92
N PHE A 228 -1.56 -26.12 -10.61
CA PHE A 228 -1.35 -24.71 -10.30
C PHE A 228 -1.79 -24.40 -8.88
N TYR A 229 -2.99 -24.86 -8.50
CA TYR A 229 -3.46 -24.64 -7.14
C TYR A 229 -2.48 -25.22 -6.12
N THR A 230 -1.99 -26.44 -6.38
CA THR A 230 -1.10 -27.08 -5.41
C THR A 230 0.22 -26.35 -5.29
N SER A 231 0.78 -25.87 -6.41
CA SER A 231 2.02 -25.10 -6.36
C SER A 231 1.83 -23.83 -5.56
N VAL A 232 0.78 -23.07 -5.89
CA VAL A 232 0.53 -21.81 -5.21
C VAL A 232 0.32 -22.03 -3.72
N MET A 233 -0.39 -23.11 -3.35
CA MET A 233 -0.65 -23.36 -1.94
C MET A 233 0.58 -23.85 -1.20
N ARG A 234 1.46 -24.63 -1.86
CA ARG A 234 2.69 -25.05 -1.21
C ARG A 234 3.58 -23.86 -0.90
N ASP A 235 3.80 -22.99 -1.89
CA ASP A 235 4.65 -21.84 -1.64
C ASP A 235 4.02 -20.88 -0.64
N THR A 236 2.69 -20.69 -0.73
CA THR A 236 2.00 -19.86 0.26
C THR A 236 2.14 -20.44 1.66
N SER A 237 2.07 -21.77 1.78
CA SER A 237 2.26 -22.42 3.07
C SER A 237 3.65 -22.11 3.63
N THR A 238 4.67 -22.23 2.79
CA THR A 238 6.02 -21.92 3.25
C THR A 238 6.11 -20.48 3.73
N VAL A 239 5.55 -19.54 2.96
CA VAL A 239 5.62 -18.12 3.31
C VAL A 239 4.90 -17.87 4.64
N ALA A 240 3.69 -18.41 4.78
CA ALA A 240 2.89 -18.14 5.98
C ALA A 240 3.50 -18.80 7.22
N ASN A 241 4.00 -20.02 7.08
CA ASN A 241 4.61 -20.70 8.22
C ASN A 241 5.92 -20.02 8.63
N GLN A 242 6.69 -19.51 7.67
CA GLN A 242 7.88 -18.78 8.04
C GLN A 242 7.54 -17.42 8.65
N ALA A 243 6.44 -16.80 8.22
CA ALA A 243 5.98 -15.59 8.89
C ALA A 243 5.61 -15.88 10.34
N VAL A 244 4.94 -17.02 10.58
CA VAL A 244 4.62 -17.43 11.95
C VAL A 244 5.89 -17.63 12.77
N CYS A 245 6.85 -18.36 12.21
CA CYS A 245 8.08 -18.66 12.94
C CYS A 245 8.94 -17.42 13.18
N GLU A 246 8.93 -16.49 12.23
CA GLU A 246 9.72 -15.26 12.34
C GLU A 246 9.04 -14.22 13.21
N LEU A 247 7.72 -14.34 13.39
CA LEU A 247 7.00 -13.36 14.19
C LEU A 247 7.26 -13.53 15.69
N THR A 248 7.53 -14.76 16.14
CA THR A 248 7.74 -14.99 17.58
C THR A 248 8.38 -16.34 17.89
N GLY A 249 8.79 -17.09 16.87
CA GLY A 249 9.26 -18.44 17.10
C GLY A 249 10.71 -18.70 16.74
N SER A 250 11.05 -18.57 15.45
CA SER A 250 12.39 -18.88 14.98
C SER A 250 13.32 -17.68 14.99
N ALA A 251 12.77 -16.46 15.05
CA ALA A 251 13.56 -15.23 15.04
C ALA A 251 14.49 -15.17 13.83
N GLU A 252 15.78 -15.41 14.05
CA GLU A 252 16.77 -15.42 12.98
C GLU A 252 17.73 -16.57 13.23
N ALA A 253 17.66 -17.61 12.40
CA ALA A 253 18.57 -18.75 12.49
C ALA A 253 19.40 -18.87 11.23
N ILE A 254 18.84 -19.35 10.13
CA ILE A 254 19.50 -19.27 8.82
C ILE A 254 18.56 -18.50 7.90
N LEU A 255 17.97 -17.42 8.44
CA LEU A 255 17.02 -16.61 7.68
C LEU A 255 17.72 -15.73 6.65
N GLU A 256 18.93 -15.28 6.96
CA GLU A 256 19.61 -14.29 6.13
C GLU A 256 19.95 -14.86 4.76
N THR A 257 20.49 -13.99 3.90
CA THR A 257 20.82 -14.37 2.53
C THR A 257 22.05 -15.26 2.48
N LEU A 258 22.74 -15.24 1.34
CA LEU A 258 23.85 -16.16 1.02
C LEU A 258 23.35 -17.60 0.88
N SER A 259 22.11 -17.86 1.33
CA SER A 259 21.50 -19.18 1.24
C SER A 259 20.12 -19.01 0.60
N SER A 260 20.10 -18.77 -0.71
CA SER A 260 18.86 -18.59 -1.45
C SER A 260 18.29 -19.95 -1.84
N PHE A 261 17.89 -20.71 -0.81
CA PHE A 261 17.37 -22.05 -0.99
C PHE A 261 15.84 -22.07 -1.01
N LEU A 262 15.20 -21.72 0.09
CA LEU A 262 13.74 -21.73 0.17
C LEU A 262 13.22 -20.30 0.14
N GLU A 263 13.38 -19.67 -1.01
CA GLU A 263 12.97 -18.28 -1.20
C GLU A 263 11.49 -18.12 -0.91
N LEU A 264 11.16 -17.09 -0.14
CA LEU A 264 9.79 -16.79 0.22
C LEU A 264 9.38 -15.45 -0.38
N SER A 265 8.13 -15.37 -0.82
CA SER A 265 7.67 -14.16 -1.48
C SER A 265 7.72 -12.98 -0.52
N PRO A 266 8.21 -11.81 -0.95
CA PRO A 266 8.20 -10.62 -0.08
C PRO A 266 6.86 -9.92 -0.01
N TYR A 267 5.92 -10.27 -0.88
CA TYR A 267 4.65 -9.54 -0.94
C TYR A 267 3.81 -9.81 0.31
N ARG A 268 3.17 -8.75 0.80
CA ARG A 268 2.34 -8.79 1.99
C ARG A 268 1.05 -8.02 1.73
N PRO A 269 -0.02 -8.33 2.43
CA PRO A 269 -1.26 -7.57 2.27
C PRO A 269 -1.07 -6.12 2.68
N ALA A 270 -1.61 -5.22 1.85
CA ALA A 270 -1.55 -3.78 2.09
C ALA A 270 -2.97 -3.23 2.09
N GLY A 271 -3.34 -2.58 3.19
CA GLY A 271 -4.68 -2.05 3.33
C GLY A 271 -5.63 -3.01 4.02
N THR A 272 -6.89 -2.60 4.08
CA THR A 272 -7.93 -3.41 4.69
C THR A 272 -8.39 -4.49 3.73
N PHE A 273 -8.58 -5.70 4.25
CA PHE A 273 -9.08 -6.82 3.45
C PHE A 273 -10.45 -7.24 3.97
N VAL A 274 -11.33 -7.65 3.06
CA VAL A 274 -12.69 -8.04 3.40
C VAL A 274 -12.92 -9.42 2.78
N PHE A 275 -12.82 -10.45 3.60
CA PHE A 275 -13.16 -11.81 3.18
C PHE A 275 -14.67 -12.01 3.20
N SER A 276 -15.15 -12.84 2.29
CA SER A 276 -16.58 -12.98 2.07
C SER A 276 -16.97 -14.44 1.95
N THR A 277 -17.97 -14.85 2.73
CA THR A 277 -18.62 -16.14 2.57
C THR A 277 -20.09 -15.91 2.20
N GLU A 278 -20.87 -16.99 2.16
CA GLU A 278 -22.27 -16.88 1.83
C GLU A 278 -23.05 -16.11 2.89
N LYS A 279 -22.53 -16.03 4.11
CA LYS A 279 -23.25 -15.41 5.21
C LYS A 279 -22.51 -14.31 5.94
N ARG A 280 -21.22 -14.09 5.65
CA ARG A 280 -20.43 -13.17 6.45
C ARG A 280 -19.57 -12.26 5.58
N LEU A 281 -19.31 -11.07 6.12
CA LEU A 281 -18.25 -10.18 5.65
C LEU A 281 -17.29 -9.97 6.81
N VAL A 282 -16.02 -10.35 6.65
CA VAL A 282 -15.04 -10.27 7.70
C VAL A 282 -13.96 -9.29 7.27
N ALA A 283 -13.84 -8.18 7.99
CA ALA A 283 -12.86 -7.14 7.68
C ALA A 283 -11.66 -7.30 8.59
N VAL A 284 -10.46 -7.23 8.01
CA VAL A 284 -9.21 -7.38 8.74
C VAL A 284 -8.26 -6.25 8.34
N ASN A 285 -7.57 -5.68 9.33
CA ASN A 285 -6.57 -4.64 9.12
C ASN A 285 -5.15 -5.18 9.19
N ASN A 286 -4.87 -6.06 10.14
CA ASN A 286 -3.50 -6.53 10.39
C ASN A 286 -2.99 -7.32 9.20
N SER A 287 -1.85 -6.89 8.65
CA SER A 287 -1.33 -7.52 7.44
C SER A 287 -0.91 -8.96 7.67
N ASP A 288 -0.26 -9.25 8.80
CA ASP A 288 0.15 -10.61 9.11
C ASP A 288 -1.07 -11.53 9.27
N ALA A 289 -2.10 -11.03 9.94
CA ALA A 289 -3.34 -11.79 10.06
C ALA A 289 -3.94 -12.06 8.69
N ILE A 290 -3.89 -11.08 7.79
CA ILE A 290 -4.46 -11.26 6.46
C ILE A 290 -3.67 -12.30 5.68
N LEU A 291 -2.35 -12.34 5.86
CA LEU A 291 -1.54 -13.36 5.18
C LEU A 291 -1.89 -14.75 5.70
N GLN A 292 -1.95 -14.91 7.02
CA GLN A 292 -2.35 -16.19 7.59
C GLN A 292 -3.72 -16.62 7.10
N MET A 293 -4.64 -15.66 6.96
CA MET A 293 -5.99 -16.01 6.50
C MET A 293 -5.99 -16.34 5.01
N LEU A 294 -5.21 -15.61 4.22
CA LEU A 294 -5.06 -15.94 2.80
C LEU A 294 -4.62 -17.39 2.63
N PHE A 295 -3.77 -17.88 3.54
CA PHE A 295 -3.43 -19.30 3.45
C PHE A 295 -4.56 -20.19 3.96
N TYR A 296 -5.05 -19.95 5.17
CA TYR A 296 -5.88 -20.95 5.84
C TYR A 296 -7.34 -20.94 5.43
N THR A 297 -7.83 -19.91 4.75
CA THR A 297 -9.20 -19.92 4.27
C THR A 297 -9.33 -20.63 2.93
N CYS A 298 -8.22 -20.81 2.20
CA CYS A 298 -8.20 -21.51 0.92
C CYS A 298 -7.81 -22.97 1.08
N GLN A 299 -8.15 -23.59 2.21
CA GLN A 299 -7.84 -24.97 2.50
C GLN A 299 -9.07 -25.85 2.33
N ALA A 300 -8.81 -27.14 2.10
CA ALA A 300 -9.90 -28.13 2.04
C ALA A 300 -10.31 -28.49 3.46
N SER A 301 -11.04 -27.57 4.08
CA SER A 301 -11.34 -27.69 5.50
C SER A 301 -12.81 -27.51 5.82
N ASP A 302 -13.51 -26.60 5.14
CA ASP A 302 -14.92 -26.33 5.46
C ASP A 302 -15.75 -27.60 5.38
N GLU A 303 -15.47 -28.45 4.41
CA GLU A 303 -16.08 -29.77 4.31
C GLU A 303 -15.05 -30.83 3.95
N GLN A 304 -13.76 -30.45 3.89
CA GLN A 304 -12.68 -31.35 3.51
C GLN A 304 -12.91 -31.96 2.13
N GLU A 305 -13.35 -31.13 1.19
CA GLU A 305 -13.57 -31.56 -0.19
C GLU A 305 -12.31 -31.25 -1.01
N TRP A 306 -11.28 -32.05 -0.75
CA TRP A 306 -9.96 -31.82 -1.33
C TRP A 306 -9.99 -31.85 -2.86
N SER A 307 -10.92 -32.58 -3.45
CA SER A 307 -10.93 -32.76 -4.90
C SER A 307 -11.56 -31.59 -5.64
N LEU A 308 -12.36 -30.77 -4.97
CA LEU A 308 -13.13 -29.73 -5.65
C LEU A 308 -12.57 -28.33 -5.43
N ILE A 309 -11.64 -28.15 -4.50
CA ILE A 309 -11.21 -26.83 -4.08
C ILE A 309 -10.44 -26.06 -5.16
N PRO A 310 -9.66 -26.69 -6.06
CA PRO A 310 -8.99 -25.86 -7.08
C PRO A 310 -9.95 -25.19 -8.05
N PHE A 311 -10.98 -25.91 -8.49
CA PHE A 311 -11.95 -25.31 -9.40
C PHE A 311 -12.78 -24.25 -8.68
N ARG A 312 -13.03 -24.42 -7.38
CA ARG A 312 -13.61 -23.34 -6.59
C ARG A 312 -12.68 -22.14 -6.55
N SER A 313 -11.37 -22.38 -6.48
CA SER A 313 -10.41 -21.28 -6.45
C SER A 313 -10.37 -20.53 -7.77
N ILE A 314 -10.66 -21.22 -8.87
CA ILE A 314 -10.74 -20.53 -10.15
C ILE A 314 -12.07 -19.78 -10.27
N ARG A 315 -13.18 -20.40 -9.85
CA ARG A 315 -14.49 -19.78 -10.02
C ARG A 315 -14.70 -18.60 -9.07
N ASP A 316 -14.06 -18.61 -7.91
CA ASP A 316 -14.25 -17.53 -6.95
C ASP A 316 -13.64 -16.21 -7.42
N HIS A 317 -12.75 -16.25 -8.41
CA HIS A 317 -12.25 -15.00 -8.99
C HIS A 317 -13.33 -14.27 -9.77
N HIS A 318 -14.39 -14.97 -10.17
CA HIS A 318 -15.49 -14.38 -10.92
C HIS A 318 -16.75 -14.17 -10.09
N SER A 319 -16.69 -14.45 -8.79
CA SER A 319 -17.87 -14.43 -7.94
C SER A 319 -18.05 -13.11 -7.20
N TYR A 320 -17.45 -12.03 -7.70
CA TYR A 320 -17.62 -10.73 -7.07
C TYR A 320 -18.93 -10.06 -7.45
N GLU A 321 -19.56 -10.50 -8.54
CA GLU A 321 -20.90 -10.04 -8.86
C GLU A 321 -21.88 -10.45 -7.76
N GLU A 322 -21.88 -11.73 -7.39
CA GLU A 322 -22.73 -12.20 -6.30
C GLU A 322 -22.37 -11.52 -4.99
N LEU A 323 -21.07 -11.29 -4.77
CA LEU A 323 -20.65 -10.60 -3.55
C LEU A 323 -21.26 -9.21 -3.48
N VAL A 324 -21.19 -8.45 -4.56
CA VAL A 324 -21.73 -7.09 -4.55
C VAL A 324 -23.25 -7.11 -4.44
N GLN A 325 -23.91 -8.08 -5.07
CA GLN A 325 -25.36 -8.12 -5.00
C GLN A 325 -25.89 -8.54 -3.63
N SER A 326 -25.06 -9.20 -2.81
CA SER A 326 -25.53 -9.78 -1.55
C SER A 326 -24.83 -9.18 -0.33
N MET A 327 -24.21 -8.00 -0.47
CA MET A 327 -23.50 -7.39 0.66
C MET A 327 -24.44 -7.10 1.82
N GLY A 328 -25.57 -6.44 1.53
CA GLY A 328 -26.45 -5.97 2.59
C GLY A 328 -27.08 -7.08 3.41
N MET A 329 -27.14 -8.29 2.86
CA MET A 329 -27.74 -9.43 3.55
C MET A 329 -26.73 -10.24 4.34
N LYS A 330 -25.46 -9.83 4.37
CA LYS A 330 -24.41 -10.56 5.05
C LYS A 330 -24.18 -9.99 6.45
N LEU A 331 -23.77 -10.86 7.36
CA LEU A 331 -23.41 -10.43 8.72
C LEU A 331 -21.97 -9.93 8.71
N PHE A 332 -21.76 -8.73 9.24
CA PHE A 332 -20.45 -8.10 9.24
C PHE A 332 -19.80 -8.20 10.61
N ASN A 333 -18.47 -8.28 10.62
CA ASN A 333 -17.70 -8.20 11.84
C ASN A 333 -16.27 -7.78 11.49
N HIS A 334 -15.68 -6.96 12.35
CA HIS A 334 -14.30 -6.48 12.19
C HIS A 334 -13.41 -7.36 13.06
N LEU A 335 -12.54 -8.14 12.41
CA LEU A 335 -11.79 -9.17 13.12
C LEU A 335 -10.82 -8.55 14.13
N ASP A 336 -10.24 -7.39 13.81
CA ASP A 336 -9.23 -6.81 14.70
C ASP A 336 -9.84 -6.37 16.02
N GLY A 337 -11.02 -5.77 15.99
CA GLY A 337 -11.67 -5.27 17.19
C GLY A 337 -12.62 -6.22 17.87
N GLU A 338 -12.69 -7.48 17.44
CA GLU A 338 -13.63 -8.42 18.00
C GLU A 338 -13.08 -9.04 19.29
N ASN A 339 -14.00 -9.40 20.19
CA ASN A 339 -13.60 -10.07 21.42
C ASN A 339 -13.38 -11.56 21.21
N SER A 340 -14.05 -12.16 20.24
CA SER A 340 -13.90 -13.58 19.93
C SER A 340 -13.92 -13.74 18.41
N ILE A 341 -12.85 -14.32 17.87
CA ILE A 341 -12.71 -14.49 16.42
C ILE A 341 -13.05 -15.90 15.97
N GLU A 342 -13.58 -16.74 16.88
CA GLU A 342 -13.78 -18.14 16.53
C GLU A 342 -14.92 -18.33 15.54
N SER A 343 -16.03 -17.60 15.72
CA SER A 343 -17.17 -17.74 14.82
C SER A 343 -16.79 -17.35 13.39
N SER A 344 -16.10 -16.20 13.25
CA SER A 344 -15.75 -15.71 11.92
C SER A 344 -14.81 -16.68 11.20
N LEU A 345 -13.74 -17.12 11.89
CA LEU A 345 -12.75 -17.97 11.24
C LEU A 345 -13.27 -19.39 11.04
N ASN A 346 -14.18 -19.85 11.89
CA ASN A 346 -14.85 -21.13 11.64
C ASN A 346 -15.75 -21.04 10.41
N ASP A 347 -16.47 -19.92 10.26
CA ASP A 347 -17.27 -19.73 9.06
C ASP A 347 -16.41 -19.66 7.81
N LEU A 348 -15.17 -19.20 7.96
CA LEU A 348 -14.22 -19.12 6.84
C LEU A 348 -13.43 -20.40 6.64
N GLY A 349 -13.71 -21.45 7.40
CA GLY A 349 -13.02 -22.70 7.22
C GLY A 349 -11.59 -22.74 7.73
N VAL A 350 -11.21 -21.80 8.60
CA VAL A 350 -9.86 -21.82 9.15
C VAL A 350 -9.76 -22.91 10.18
N SER A 351 -8.73 -23.74 10.06
CA SER A 351 -8.48 -24.81 11.02
C SER A 351 -8.10 -24.23 12.37
N THR A 352 -7.99 -25.12 13.37
CA THR A 352 -7.65 -24.67 14.71
C THR A 352 -6.25 -24.08 14.76
N ARG A 353 -5.29 -24.70 14.07
CA ARG A 353 -3.93 -24.16 14.02
C ARG A 353 -3.92 -22.81 13.34
N GLY A 354 -4.62 -22.68 12.20
CA GLY A 354 -4.73 -21.39 11.55
C GLY A 354 -5.38 -20.35 12.45
N ARG A 355 -6.39 -20.76 13.21
N ARG A 355 -6.39 -20.77 13.21
CA ARG A 355 -7.03 -19.84 14.15
CA ARG A 355 -7.03 -19.85 14.15
C ARG A 355 -6.04 -19.34 15.18
C ARG A 355 -6.03 -19.35 15.19
N GLN A 356 -5.22 -20.25 15.71
CA GLN A 356 -4.21 -19.85 16.71
C GLN A 356 -3.18 -18.91 16.10
N TYR A 357 -2.80 -19.13 14.84
CA TYR A 357 -1.82 -18.25 14.20
C TYR A 357 -2.41 -16.86 13.96
N VAL A 358 -3.66 -16.78 13.52
CA VAL A 358 -4.30 -15.48 13.32
C VAL A 358 -4.42 -14.75 14.66
N GLN A 359 -4.83 -15.47 15.70
CA GLN A 359 -4.90 -14.87 17.03
C GLN A 359 -3.52 -14.37 17.48
N ALA A 360 -2.46 -15.11 17.15
CA ALA A 360 -1.12 -14.70 17.53
C ALA A 360 -0.71 -13.41 16.82
N ALA A 361 -1.04 -13.28 15.53
CA ALA A 361 -0.71 -12.05 14.81
C ALA A 361 -1.44 -10.85 15.42
N LEU A 362 -2.75 -11.02 15.70
CA LEU A 362 -3.49 -9.93 16.33
C LEU A 362 -2.91 -9.58 17.71
N GLU A 363 -2.53 -10.60 18.49
CA GLU A 363 -1.94 -10.35 19.80
C GLU A 363 -0.60 -9.62 19.67
N GLU A 364 0.16 -9.91 18.62
CA GLU A 364 1.42 -9.19 18.41
C GLU A 364 1.17 -7.72 18.13
N GLU A 365 0.16 -7.41 17.32
CA GLU A 365 -0.17 -6.00 17.11
C GLU A 365 -0.60 -5.34 18.42
N LYS A 366 -1.38 -6.06 19.23
CA LYS A 366 -1.77 -5.53 20.54
C LYS A 366 -0.54 -5.27 21.42
N LYS A 367 0.46 -6.17 21.36
CA LYS A 367 1.69 -5.96 22.11
C LYS A 367 2.42 -4.71 21.64
N ARG A 368 2.44 -4.47 20.33
CA ARG A 368 3.07 -3.26 19.82
C ARG A 368 2.38 -2.01 20.34
N VAL A 369 1.04 -2.04 20.37
CA VAL A 369 0.30 -0.89 20.91
C VAL A 369 0.62 -0.70 22.38
N GLU A 370 0.72 -1.80 23.14
CA GLU A 370 1.07 -1.70 24.56
C GLU A 370 2.46 -1.12 24.75
N ASN A 371 3.41 -1.50 23.88
CA ASN A 371 4.76 -0.94 23.95
C ASN A 371 4.74 0.56 23.69
N GLN A 372 3.99 1.01 22.69
CA GLN A 372 3.91 2.45 22.44
C GLN A 372 3.29 3.18 23.62
N LYS A 373 2.27 2.57 24.25
CA LYS A 373 1.64 3.19 25.42
C LYS A 373 2.64 3.32 26.58
N LYS A 374 3.41 2.27 26.84
CA LYS A 374 4.41 2.36 27.90
C LYS A 374 5.48 3.40 27.56
N ILE A 375 5.86 3.50 26.29
CA ILE A 375 6.86 4.48 25.89
C ILE A 375 6.34 5.89 26.15
N ILE A 376 5.09 6.17 25.79
CA ILE A 376 4.57 7.52 25.99
C ILE A 376 4.42 7.82 27.48
N GLN A 377 4.02 6.82 28.28
CA GLN A 377 3.93 7.08 29.71
C GLN A 377 5.30 7.35 30.31
N VAL A 378 6.33 6.65 29.84
CA VAL A 378 7.67 6.84 30.38
C VAL A 378 8.23 8.20 29.97
N ILE A 379 7.98 8.61 28.72
CA ILE A 379 8.51 9.89 28.25
C ILE A 379 7.66 11.08 28.66
N GLN A 380 6.50 10.86 29.27
CA GLN A 380 5.67 11.97 29.72
C GLN A 380 5.73 12.21 31.22
N GLN A 381 6.26 11.27 32.00
CA GLN A 381 6.40 11.50 33.43
C GLN A 381 7.46 12.57 33.69
N GLU A 382 7.28 13.32 34.79
CA GLU A 382 8.09 14.49 35.03
C GLU A 382 9.52 14.14 35.42
N ARG A 383 9.72 12.99 36.08
CA ARG A 383 11.08 12.59 36.46
C ARG A 383 11.97 12.38 35.25
N PHE A 384 11.38 12.05 34.10
CA PHE A 384 12.14 11.89 32.87
C PHE A 384 12.43 13.24 32.23
N LEU A 385 11.40 14.09 32.09
CA LEU A 385 11.57 15.40 31.46
C LEU A 385 12.48 16.31 32.27
N LYS A 386 12.63 16.05 33.58
CA LYS A 386 13.47 16.89 34.41
C LYS A 386 14.93 16.86 33.96
N LYS A 387 15.37 15.77 33.35
CA LYS A 387 16.75 15.69 32.88
C LYS A 387 16.99 16.67 31.74
N LEU A 388 16.14 16.62 30.71
CA LEU A 388 16.24 17.57 29.61
C LEU A 388 16.05 19.00 30.12
N ALA A 389 15.13 19.20 31.06
CA ALA A 389 14.91 20.54 31.58
C ALA A 389 16.12 21.06 32.35
N TRP A 390 16.82 20.17 33.07
CA TRP A 390 18.04 20.56 33.77
C TRP A 390 19.13 20.92 32.78
N ILE A 391 19.28 20.14 31.71
CA ILE A 391 20.27 20.49 30.69
C ILE A 391 19.92 21.81 30.03
N GLU A 392 18.63 22.11 29.89
CA GLU A 392 18.20 23.29 29.13
C GLU A 392 18.29 24.57 29.97
N ASP A 393 17.73 24.55 31.18
CA ASP A 393 17.56 25.75 32.00
C ASP A 393 18.64 25.94 33.05
N GLU A 394 19.42 24.90 33.37
CA GLU A 394 20.44 24.98 34.40
C GLU A 394 21.85 24.83 33.85
N TYR A 395 22.13 23.72 33.18
CA TYR A 395 23.49 23.45 32.71
C TYR A 395 23.91 24.43 31.62
N LYS A 396 23.05 24.63 30.61
CA LYS A 396 23.40 25.54 29.52
C LYS A 396 23.57 26.97 29.97
N PRO A 397 22.65 27.58 30.76
CA PRO A 397 22.91 28.95 31.22
C PRO A 397 24.13 29.06 32.12
N LYS A 398 24.32 28.10 33.03
CA LYS A 398 25.48 28.15 33.92
C LYS A 398 26.78 28.05 33.14
N CYS A 399 26.79 27.28 32.05
CA CYS A 399 27.97 27.19 31.20
C CYS A 399 28.16 28.42 30.33
N GLN A 400 27.06 29.04 29.89
CA GLN A 400 27.18 30.31 29.19
C GLN A 400 27.72 31.41 30.10
N ALA A 401 27.45 31.31 31.41
CA ALA A 401 27.99 32.29 32.34
C ALA A 401 29.51 32.22 32.42
N HIS A 402 30.08 31.01 32.35
CA HIS A 402 31.52 30.85 32.38
C HIS A 402 32.19 31.20 31.07
N LYS A 403 31.42 31.62 30.06
CA LYS A 403 31.93 32.15 28.80
C LYS A 403 32.68 31.08 27.98
N ASN A 404 32.34 29.81 28.15
CA ASN A 404 32.92 28.76 27.33
C ASN A 404 31.89 27.84 26.67
N GLY A 405 30.63 27.86 27.11
CA GLY A 405 29.62 27.02 26.51
C GLY A 405 29.62 25.61 27.04
N TYR A 406 28.44 24.96 27.04
CA TYR A 406 28.35 23.66 27.68
C TYR A 406 29.05 22.56 26.91
N TYR A 407 29.22 22.72 25.59
CA TYR A 407 30.01 21.76 24.84
C TYR A 407 31.44 21.66 25.38
N ASP A 408 32.14 22.81 25.43
CA ASP A 408 33.51 22.80 25.92
C ASP A 408 33.56 22.50 27.42
N SER A 409 32.57 22.99 28.18
CA SER A 409 32.54 22.71 29.60
C SER A 409 32.43 21.21 29.88
N PHE A 410 31.67 20.49 29.05
CA PHE A 410 31.59 19.05 29.16
C PHE A 410 32.88 18.40 28.67
N LYS A 411 33.47 18.94 27.61
CA LYS A 411 34.67 18.33 27.04
C LYS A 411 35.84 18.37 28.01
N VAL A 412 35.99 19.46 28.76
CA VAL A 412 37.04 19.50 29.77
C VAL A 412 36.59 18.85 31.07
N SER A 413 35.30 18.99 31.42
CA SER A 413 34.71 18.37 32.60
C SER A 413 35.52 18.67 33.86
N ASN A 414 35.64 19.96 34.17
CA ASN A 414 36.38 20.38 35.35
C ASN A 414 35.49 20.62 36.56
N GLU A 415 34.18 20.68 36.38
CA GLU A 415 33.24 20.91 37.47
C GLU A 415 32.39 19.68 37.70
N GLU A 416 31.66 19.68 38.82
CA GLU A 416 30.77 18.57 39.13
C GLU A 416 29.52 18.59 38.27
N ASN A 417 29.08 19.79 37.87
CA ASN A 417 27.97 19.90 36.93
C ASN A 417 28.25 19.13 35.64
N ASP A 418 29.52 19.04 35.24
CA ASP A 418 29.86 18.31 34.03
C ASP A 418 29.62 16.81 34.20
N PHE A 419 30.02 16.24 35.35
CA PHE A 419 29.73 14.83 35.59
C PHE A 419 28.23 14.59 35.76
N LYS A 420 27.50 15.53 36.36
CA LYS A 420 26.04 15.40 36.43
C LYS A 420 25.42 15.38 35.05
N ALA A 421 25.89 16.27 34.16
CA ALA A 421 25.41 16.27 32.78
C ALA A 421 25.76 14.97 32.07
N ASN A 422 26.93 14.40 32.37
CA ASN A 422 27.29 13.11 31.80
C ASN A 422 26.34 12.01 32.25
N VAL A 423 25.97 12.02 33.53
CA VAL A 423 25.04 11.01 34.05
C VAL A 423 23.69 11.14 33.36
N LYS A 424 23.18 12.36 33.24
CA LYS A 424 21.88 12.55 32.59
C LYS A 424 21.94 12.19 31.10
N ARG A 425 23.06 12.49 30.45
CA ARG A 425 23.27 12.06 29.07
C ARG A 425 23.22 10.54 28.95
N ALA A 426 23.87 9.83 29.87
CA ALA A 426 23.85 8.37 29.81
C ALA A 426 22.46 7.81 30.03
N GLU A 427 21.68 8.39 30.95
CA GLU A 427 20.33 7.91 31.19
C GLU A 427 19.44 8.13 29.96
N LEU A 428 19.48 9.34 29.39
CA LEU A 428 18.71 9.61 28.18
C LEU A 428 19.13 8.69 27.04
N ALA A 429 20.43 8.45 26.90
CA ALA A 429 20.92 7.54 25.87
C ALA A 429 20.37 6.14 26.06
N GLY A 430 20.32 5.67 27.31
CA GLY A 430 19.75 4.36 27.57
C GLY A 430 18.30 4.28 27.13
N VAL A 431 17.51 5.29 27.48
CA VAL A 431 16.08 5.26 27.13
C VAL A 431 15.90 5.26 25.61
N PHE A 432 16.63 6.14 24.92
CA PHE A 432 16.44 6.24 23.47
C PHE A 432 17.02 5.04 22.74
N ASP A 433 18.09 4.43 23.25
CA ASP A 433 18.60 3.20 22.67
C ASP A 433 17.60 2.06 22.85
N GLU A 434 16.90 2.03 23.98
CA GLU A 434 15.87 1.00 24.17
C GLU A 434 14.74 1.18 23.17
N VAL A 435 14.27 2.42 22.98
CA VAL A 435 13.22 2.66 21.98
C VAL A 435 13.72 2.29 20.59
N LEU A 436 14.99 2.60 20.28
CA LEU A 436 15.55 2.25 18.98
C LEU A 436 15.59 0.73 18.78
N GLY A 437 15.97 0.00 19.82
CA GLY A 437 15.97 -1.45 19.71
C GLY A 437 14.58 -2.01 19.49
N LEU A 438 13.57 -1.40 20.11
CA LEU A 438 12.20 -1.83 19.84
C LEU A 438 11.79 -1.52 18.40
N LEU A 439 12.20 -0.37 17.88
CA LEU A 439 11.89 -0.02 16.49
C LEU A 439 12.54 -1.00 15.52
N LYS A 440 13.82 -1.30 15.74
CA LYS A 440 14.56 -2.17 14.81
C LYS A 440 13.90 -3.54 14.67
N LYS A 441 13.35 -4.07 15.77
CA LYS A 441 12.76 -5.40 15.78
C LYS A 441 11.29 -5.40 15.37
N CYS A 442 10.79 -4.29 14.83
CA CYS A 442 9.40 -4.17 14.40
C CYS A 442 8.44 -4.54 15.53
N GLN A 443 8.68 -3.96 16.70
CA GLN A 443 7.84 -4.22 17.87
C GLN A 443 7.10 -2.97 18.33
N LEU A 444 6.89 -2.02 17.43
CA LEU A 444 6.08 -0.84 17.67
C LEU A 444 5.12 -0.68 16.50
N PRO A 445 4.00 0.01 16.70
CA PRO A 445 3.04 0.20 15.60
C PRO A 445 3.68 0.91 14.42
N ASP A 446 3.09 0.71 13.24
CA ASP A 446 3.60 1.36 12.04
C ASP A 446 3.62 2.88 12.18
N GLU A 447 2.68 3.44 12.93
CA GLU A 447 2.55 4.89 13.03
C GLU A 447 3.63 5.53 13.89
N PHE A 448 4.43 4.75 14.60
CA PHE A 448 5.26 5.30 15.67
C PHE A 448 6.18 6.41 15.17
N GLU A 449 7.01 6.11 14.17
CA GLU A 449 7.98 7.09 13.69
C GLU A 449 7.32 8.36 13.14
N GLY A 450 6.00 8.39 12.99
CA GLY A 450 5.35 9.56 12.46
C GLY A 450 4.58 10.33 13.52
N ASP A 451 4.55 9.80 14.74
CA ASP A 451 3.80 10.42 15.82
C ASP A 451 4.43 11.76 16.19
N ILE A 452 3.64 12.83 16.12
CA ILE A 452 4.19 14.18 16.25
C ILE A 452 4.73 14.42 17.66
N ASP A 453 4.12 13.83 18.68
CA ASP A 453 4.65 13.98 20.04
C ASP A 453 6.04 13.37 20.15
N TRP A 454 6.20 12.15 19.63
CA TRP A 454 7.51 11.50 19.65
C TRP A 454 8.52 12.30 18.84
N ILE A 455 8.11 12.82 17.68
CA ILE A 455 9.03 13.60 16.86
C ILE A 455 9.49 14.85 17.62
N LYS A 456 8.56 15.54 18.28
CA LYS A 456 8.92 16.73 19.04
C LYS A 456 9.90 16.40 20.16
N LEU A 457 9.60 15.35 20.94
CA LEU A 457 10.48 15.00 22.05
C LEU A 457 11.85 14.56 21.56
N ALA A 458 11.89 13.72 20.51
CA ALA A 458 13.16 13.24 20.00
C ALA A 458 13.97 14.37 19.38
N THR A 459 13.33 15.34 18.75
CA THR A 459 14.06 16.48 18.20
C THR A 459 14.64 17.35 19.32
N ARG A 460 13.84 17.61 20.36
CA ARG A 460 14.36 18.33 21.52
C ARG A 460 15.55 17.60 22.13
N TYR A 461 15.43 16.28 22.29
CA TYR A 461 16.51 15.49 22.88
C TYR A 461 17.76 15.51 22.01
N ARG A 462 17.59 15.36 20.70
CA ARG A 462 18.74 15.40 19.79
C ARG A 462 19.43 16.75 19.89
N ARG A 463 18.69 17.84 19.68
CA ARG A 463 19.27 19.18 19.74
C ARG A 463 19.97 19.44 21.06
N LEU A 464 19.43 18.92 22.16
CA LEU A 464 20.02 19.22 23.47
C LEU A 464 21.23 18.36 23.78
N VAL A 465 21.21 17.08 23.40
CA VAL A 465 22.14 16.11 23.96
C VAL A 465 23.15 15.58 22.95
N GLU A 466 22.84 15.59 21.64
CA GLU A 466 23.85 15.19 20.67
C GLU A 466 25.13 16.01 20.78
N PRO A 467 25.10 17.32 21.05
CA PRO A 467 26.35 18.01 21.36
C PRO A 467 27.11 17.38 22.52
N LEU A 468 26.41 16.95 23.57
CA LEU A 468 27.09 16.31 24.69
C LEU A 468 27.66 14.95 24.32
N ASP A 469 26.98 14.21 23.45
CA ASP A 469 27.54 12.93 23.00
C ASP A 469 28.75 13.14 22.10
N ILE A 470 28.74 14.20 21.28
CA ILE A 470 29.92 14.52 20.47
C ILE A 470 31.08 14.94 21.37
N ALA A 471 30.79 15.73 22.40
CA ALA A 471 31.82 16.12 23.37
C ALA A 471 32.36 14.91 24.10
N ASN A 472 31.49 13.95 24.44
CA ASN A 472 31.95 12.71 25.06
C ASN A 472 32.82 11.91 24.11
N TYR A 473 32.45 11.89 22.83
CA TYR A 473 33.21 11.15 21.83
C TYR A 473 34.62 11.71 21.68
N HIS A 474 34.73 13.02 21.51
CA HIS A 474 36.04 13.64 21.31
C HIS A 474 36.82 13.81 22.61
N ARG A 475 36.12 13.78 23.76
CA ARG A 475 36.80 13.90 25.04
C ARG A 475 37.60 12.64 25.34
N HIS A 476 37.07 11.47 24.99
CA HIS A 476 37.77 10.21 25.19
C HIS A 476 38.63 9.83 23.99
N LEU A 477 38.96 10.79 23.13
CA LEU A 477 39.85 10.58 21.98
C LEU A 477 39.38 9.43 21.09
N LYS A 478 38.05 9.22 21.01
CA LYS A 478 37.54 8.18 20.13
C LYS A 478 37.71 8.55 18.66
N ASN A 479 37.93 9.83 18.36
CA ASN A 479 38.17 10.23 16.98
C ASN A 479 39.50 9.73 16.45
N GLU A 480 40.43 9.38 17.34
CA GLU A 480 41.72 8.85 16.93
C GLU A 480 41.74 7.33 16.85
N ASP A 481 40.98 6.65 17.72
CA ASP A 481 40.93 5.19 17.68
C ASP A 481 40.00 4.71 16.58
N THR A 482 38.75 5.16 16.60
CA THR A 482 37.74 4.69 15.65
C THR A 482 37.72 5.52 14.36
N GLY A 483 37.61 6.84 14.49
CA GLY A 483 37.59 7.71 13.34
C GLY A 483 36.69 8.90 13.53
N PRO A 484 36.42 9.64 12.45
CA PRO A 484 35.54 10.81 12.55
C PRO A 484 34.16 10.43 13.08
N TYR A 485 33.58 11.32 13.88
CA TYR A 485 32.31 11.04 14.52
C TYR A 485 31.21 10.76 13.51
N MET A 486 31.16 11.52 12.42
CA MET A 486 30.08 11.38 11.46
C MET A 486 30.14 10.07 10.68
N LYS A 487 31.29 9.40 10.67
CA LYS A 487 31.47 8.21 9.85
C LYS A 487 31.32 6.90 10.64
N ARG A 488 31.91 6.82 11.84
CA ARG A 488 31.91 5.58 12.59
C ARG A 488 31.53 5.77 14.06
N GLY A 489 31.00 6.92 14.44
CA GLY A 489 30.78 7.18 15.85
C GLY A 489 29.39 7.68 16.23
N ARG A 490 28.61 8.13 15.26
CA ARG A 490 27.31 8.74 15.56
C ARG A 490 26.31 7.69 16.02
N PRO A 491 25.71 7.83 17.21
CA PRO A 491 24.69 6.87 17.64
C PRO A 491 23.51 6.85 16.69
N THR A 492 22.99 5.65 16.41
CA THR A 492 21.91 5.49 15.45
C THR A 492 20.62 6.18 15.92
N ARG A 493 20.45 6.32 17.24
CA ARG A 493 19.24 6.98 17.75
C ARG A 493 19.13 8.40 17.23
N TYR A 494 20.25 9.12 17.16
CA TYR A 494 20.23 10.49 16.64
C TYR A 494 19.90 10.52 15.15
N ILE A 495 20.40 9.53 14.40
CA ILE A 495 20.06 9.44 12.98
C ILE A 495 18.57 9.23 12.81
N TYR A 496 17.98 8.34 13.61
CA TYR A 496 16.54 8.11 13.57
C TYR A 496 15.77 9.38 13.89
N ALA A 497 16.18 10.10 14.93
CA ALA A 497 15.46 11.32 15.31
C ALA A 497 15.55 12.37 14.21
N GLN A 498 16.76 12.56 13.65
CA GLN A 498 16.93 13.49 12.55
C GLN A 498 16.03 13.14 11.37
N ARG A 499 15.99 11.86 11.01
CA ARG A 499 15.23 11.46 9.83
C ARG A 499 13.74 11.59 10.05
N GLY A 500 13.25 11.27 11.25
CA GLY A 500 11.85 11.47 11.55
C GLY A 500 11.45 12.93 11.46
N TYR A 501 12.22 13.81 12.11
CA TYR A 501 11.94 15.24 12.06
C TYR A 501 11.97 15.75 10.62
N GLU A 502 12.99 15.35 9.87
CA GLU A 502 13.16 15.86 8.50
C GLU A 502 12.00 15.40 7.61
N HIS A 503 11.64 14.11 7.69
CA HIS A 503 10.52 13.64 6.90
C HIS A 503 9.24 14.36 7.26
N HIS A 504 8.98 14.54 8.55
CA HIS A 504 7.76 15.23 8.97
C HIS A 504 7.69 16.64 8.36
N ILE A 505 8.79 17.40 8.45
CA ILE A 505 8.70 18.78 7.96
C ILE A 505 8.85 18.90 6.45
N LEU A 506 9.38 17.87 5.77
CA LEU A 506 9.68 17.99 4.35
C LEU A 506 8.69 17.30 3.43
N LYS A 507 7.96 16.28 3.91
CA LYS A 507 7.10 15.51 3.01
C LYS A 507 6.00 16.30 2.31
N PRO A 508 5.51 17.43 2.85
CA PRO A 508 4.55 18.23 2.06
C PRO A 508 5.15 18.82 0.79
N ASN A 509 6.46 18.83 0.62
CA ASN A 509 7.09 19.36 -0.58
C ASN A 509 7.68 18.29 -1.47
N GLY A 510 7.62 17.02 -1.06
CA GLY A 510 7.96 15.91 -1.93
C GLY A 510 9.43 15.63 -2.10
N MET A 511 10.32 16.38 -1.45
CA MET A 511 11.75 16.14 -1.56
C MET A 511 12.28 15.49 -0.28
N ILE A 512 13.29 14.64 -0.45
CA ILE A 512 13.96 14.02 0.68
C ILE A 512 15.06 14.95 1.17
N ALA A 513 15.47 14.75 2.42
CA ALA A 513 16.38 15.69 3.07
C ALA A 513 17.72 15.77 2.35
N GLU A 514 18.20 14.65 1.80
CA GLU A 514 19.48 14.65 1.13
C GLU A 514 19.46 15.54 -0.11
N ASP A 515 18.38 15.46 -0.88
CA ASP A 515 18.25 16.31 -2.07
C ASP A 515 18.15 17.78 -1.70
N VAL A 516 17.42 18.09 -0.62
CA VAL A 516 17.33 19.48 -0.15
C VAL A 516 18.71 19.98 0.26
N PHE A 517 19.47 19.14 0.96
CA PHE A 517 20.82 19.52 1.39
C PHE A 517 21.72 19.81 0.19
N TRP A 518 21.72 18.90 -0.81
CA TRP A 518 22.58 19.10 -1.96
C TRP A 518 22.15 20.31 -2.77
N ASN A 519 20.84 20.56 -2.84
CA ASN A 519 20.36 21.78 -3.50
C ASN A 519 20.87 23.03 -2.79
N LYS A 520 20.85 23.02 -1.46
CA LYS A 520 21.34 24.20 -0.73
C LYS A 520 22.84 24.40 -0.94
N VAL A 521 23.63 23.32 -0.86
CA VAL A 521 25.07 23.48 -1.03
C VAL A 521 25.40 23.88 -2.46
N ASN A 522 24.59 23.46 -3.43
CA ASN A 522 24.81 23.90 -4.80
C ASN A 522 24.39 25.35 -4.98
N GLY A 523 23.39 25.79 -4.21
CA GLY A 523 23.00 27.19 -4.21
C GLY A 523 23.98 28.09 -3.50
N LEU A 524 24.86 27.52 -2.67
CA LEU A 524 25.95 28.32 -2.09
C LEU A 524 26.92 28.83 -3.15
N ASN A 525 26.87 28.29 -4.37
CA ASN A 525 27.68 28.75 -5.50
C ASN A 525 29.17 28.72 -5.16
N LEU A 526 29.66 27.50 -4.91
CA LEU A 526 31.07 27.31 -4.59
C LEU A 526 31.94 27.10 -5.82
N GLY A 527 31.35 26.81 -6.97
CA GLY A 527 32.09 26.74 -8.21
C GLY A 527 32.95 25.50 -8.38
N LEU A 528 32.36 24.33 -8.12
CA LEU A 528 33.04 23.05 -8.35
C LEU A 528 32.03 22.05 -8.90
N GLN A 529 32.56 20.97 -9.45
CA GLN A 529 31.70 19.95 -10.03
C GLN A 529 30.92 19.22 -8.94
N LEU A 530 29.71 18.77 -9.31
CA LEU A 530 28.81 18.17 -8.33
C LEU A 530 29.41 16.92 -7.71
N GLU A 531 30.08 16.09 -8.53
CA GLU A 531 30.75 14.92 -7.99
C GLU A 531 31.89 15.31 -7.05
N GLU A 532 32.67 16.32 -7.43
CA GLU A 532 33.77 16.77 -6.58
C GLU A 532 33.26 17.30 -5.24
N ILE A 533 32.15 18.05 -5.27
CA ILE A 533 31.59 18.58 -4.02
C ILE A 533 31.04 17.46 -3.17
N GLN A 534 30.31 16.51 -3.78
CA GLN A 534 29.81 15.37 -3.02
C GLN A 534 30.94 14.55 -2.41
N GLU A 535 32.10 14.52 -3.08
CA GLU A 535 33.26 13.85 -2.50
C GLU A 535 33.84 14.64 -1.33
N THR A 536 33.91 15.97 -1.47
CA THR A 536 34.44 16.79 -0.38
C THR A 536 33.52 16.76 0.83
N LEU A 537 32.21 16.81 0.61
CA LEU A 537 31.23 16.76 1.69
C LEU A 537 30.81 15.34 2.04
N LYS A 538 31.59 14.34 1.63
CA LYS A 538 31.32 12.97 2.03
C LYS A 538 31.44 12.83 3.54
N ASN A 539 30.42 12.26 4.16
CA ASN A 539 30.37 12.07 5.61
C ASN A 539 30.59 13.40 6.34
N SER A 540 29.96 14.45 5.83
CA SER A 540 30.07 15.76 6.43
C SER A 540 29.08 15.92 7.59
N GLY A 541 29.43 16.80 8.52
CA GLY A 541 28.54 17.15 9.60
C GLY A 541 27.59 18.29 9.29
N SER A 542 27.57 18.78 8.06
CA SER A 542 26.73 19.90 7.66
C SER A 542 25.35 19.46 7.19
N GLU A 543 25.03 18.17 7.29
CA GLU A 543 23.72 17.68 6.92
C GLU A 543 22.70 17.76 8.05
N CYS A 544 23.15 17.95 9.28
CA CYS A 544 22.26 18.01 10.44
C CYS A 544 22.83 19.00 11.44
N GLY A 545 21.97 19.92 11.90
CA GLY A 545 22.45 20.98 12.79
C GLY A 545 23.06 20.46 14.07
N SER A 546 22.47 19.43 14.66
CA SER A 546 22.99 18.87 15.91
C SER A 546 24.36 18.22 15.74
N CYS A 547 24.83 18.05 14.51
CA CYS A 547 26.16 17.53 14.26
C CYS A 547 27.20 18.63 14.05
N PHE A 548 26.77 19.90 14.21
CA PHE A 548 27.65 21.05 14.05
C PHE A 548 29.03 20.83 14.65
N TRP A 549 29.08 20.57 15.96
CA TRP A 549 30.36 20.43 16.64
C TRP A 549 31.22 19.35 16.00
N ALA A 550 30.62 18.23 15.59
CA ALA A 550 31.38 17.19 14.92
C ALA A 550 32.18 17.77 13.75
N GLU A 551 31.49 18.47 12.85
CA GLU A 551 32.19 19.08 11.71
C GLU A 551 33.30 20.01 12.19
N VAL A 552 33.01 20.82 13.22
CA VAL A 552 34.03 21.72 13.76
C VAL A 552 35.26 20.93 14.16
N GLU A 553 35.05 19.81 14.86
CA GLU A 553 36.17 19.00 15.29
C GLU A 553 36.98 18.49 14.11
N GLU A 554 36.31 18.18 13.00
CA GLU A 554 37.01 17.71 11.82
C GLU A 554 37.65 18.83 11.02
N LEU A 555 37.28 20.09 11.28
CA LEU A 555 37.83 21.20 10.51
C LEU A 555 38.92 21.96 11.23
N LYS A 556 38.89 21.99 12.56
CA LYS A 556 39.95 22.69 13.30
C LYS A 556 41.25 21.90 13.20
N GLY A 557 42.36 22.63 13.14
CA GLY A 557 43.68 22.05 13.05
C GLY A 557 44.18 21.87 11.63
N LYS A 558 43.27 21.73 10.65
CA LYS A 558 43.66 21.54 9.27
C LYS A 558 43.83 22.89 8.56
N PRO A 559 44.71 22.95 7.56
CA PRO A 559 44.90 24.20 6.83
C PRO A 559 43.63 24.64 6.10
N TYR A 560 43.55 25.94 5.82
CA TYR A 560 42.33 26.50 5.26
C TYR A 560 42.08 26.02 3.83
N GLU A 561 43.14 25.91 3.02
CA GLU A 561 42.97 25.45 1.66
C GLU A 561 42.48 24.02 1.60
N GLU A 562 42.75 23.22 2.64
CA GLU A 562 42.33 21.84 2.65
C GLU A 562 40.83 21.69 2.89
N VAL A 563 40.23 22.59 3.68
CA VAL A 563 38.85 22.42 4.11
C VAL A 563 38.03 23.68 3.85
N GLU A 564 38.43 24.43 2.82
CA GLU A 564 37.71 25.66 2.48
C GLU A 564 36.26 25.38 2.09
N VAL A 565 36.03 24.37 1.26
CA VAL A 565 34.67 24.03 0.83
C VAL A 565 33.81 23.68 2.04
N ARG A 566 34.36 22.85 2.94
CA ARG A 566 33.57 22.39 4.08
C ARG A 566 33.29 23.52 5.06
N VAL A 567 34.26 24.42 5.26
CA VAL A 567 34.02 25.53 6.20
C VAL A 567 33.00 26.51 5.62
N LYS A 568 33.06 26.76 4.31
CA LYS A 568 32.06 27.63 3.70
C LYS A 568 30.68 26.99 3.74
N THR A 569 30.61 25.67 3.58
CA THR A 569 29.33 24.97 3.65
C THR A 569 28.75 25.06 5.06
N LEU A 570 29.59 24.84 6.08
CA LEU A 570 29.13 24.97 7.46
C LEU A 570 28.61 26.38 7.74
N GLU A 571 29.37 27.40 7.31
CA GLU A 571 28.93 28.77 7.53
C GLU A 571 27.63 29.07 6.80
N GLY A 572 27.44 28.49 5.61
CA GLY A 572 26.20 28.71 4.88
C GLY A 572 25.00 28.04 5.53
N MET A 573 25.22 26.91 6.20
CA MET A 573 24.13 26.24 6.89
C MET A 573 23.80 26.90 8.24
N LEU A 574 24.77 27.59 8.84
CA LEU A 574 24.65 27.98 10.25
C LEU A 574 23.45 28.87 10.52
N ARG A 575 23.11 29.79 9.61
CA ARG A 575 22.06 30.76 9.92
C ARG A 575 20.68 30.10 9.95
N GLU A 576 20.39 29.26 8.95
CA GLU A 576 19.15 28.51 9.00
C GLU A 576 19.12 27.57 10.19
N TRP A 577 20.28 26.99 10.55
CA TRP A 577 20.34 26.16 11.75
C TRP A 577 19.94 26.96 12.99
N ILE A 578 20.44 28.18 13.12
CA ILE A 578 20.11 28.99 14.28
C ILE A 578 18.63 29.34 14.29
N THR A 579 18.10 29.76 13.14
CA THR A 579 16.69 30.12 13.06
C THR A 579 15.80 28.94 13.43
N ALA A 580 16.15 27.74 12.98
CA ALA A 580 15.35 26.56 13.25
C ALA A 580 15.48 26.05 14.68
N GLY A 581 16.48 26.51 15.43
CA GLY A 581 16.71 26.01 16.77
C GLY A 581 17.66 24.83 16.86
N GLU A 582 18.33 24.47 15.78
CA GLU A 582 19.27 23.35 15.80
C GLU A 582 20.58 23.71 16.50
N VAL A 583 20.98 24.97 16.41
CA VAL A 583 22.23 25.43 17.01
C VAL A 583 21.92 26.67 17.86
N ASP A 584 22.41 26.67 19.10
CA ASP A 584 22.16 27.76 20.02
C ASP A 584 23.17 28.88 19.78
N GLU A 585 22.68 30.06 19.40
CA GLU A 585 23.55 31.20 19.15
C GLU A 585 24.18 31.76 20.41
N LYS A 586 23.68 31.38 21.60
CA LYS A 586 24.28 31.80 22.85
C LYS A 586 25.47 30.95 23.25
N GLU A 587 25.79 29.91 22.50
CA GLU A 587 26.83 28.95 22.86
C GLU A 587 28.05 29.01 21.95
N ILE A 588 27.85 28.95 20.63
CA ILE A 588 28.96 28.71 19.73
C ILE A 588 29.87 29.92 19.56
N PHE A 589 29.38 31.12 19.83
CA PHE A 589 30.15 32.34 19.61
C PHE A 589 30.79 32.87 20.88
N LEU A 590 30.68 32.15 22.00
CA LEU A 590 31.30 32.58 23.24
C LEU A 590 32.82 32.61 23.09
N GLU A 591 33.46 33.41 23.94
CA GLU A 591 34.90 33.62 23.82
C GLU A 591 35.67 32.32 24.03
N GLY A 592 35.24 31.49 24.98
CA GLY A 592 35.89 30.24 25.27
C GLY A 592 35.40 29.06 24.45
N SER A 593 34.56 29.29 23.44
CA SER A 593 34.07 28.20 22.60
C SER A 593 35.17 27.73 21.66
N THR A 594 35.19 26.42 21.42
CA THR A 594 36.13 25.86 20.45
C THR A 594 35.93 26.47 19.07
N PHE A 595 34.66 26.66 18.69
CA PHE A 595 34.37 27.18 17.35
C PHE A 595 34.89 28.59 17.16
N ARG A 596 34.70 29.46 18.16
CA ARG A 596 35.14 30.85 18.02
C ARG A 596 36.66 30.96 18.01
N LYS A 597 37.31 30.23 18.93
CA LYS A 597 38.78 30.21 18.97
C LYS A 597 39.36 29.69 17.66
N TRP A 598 38.68 28.73 17.03
CA TRP A 598 39.15 28.24 15.74
C TRP A 598 38.83 29.21 14.61
N TRP A 599 37.65 29.83 14.66
CA TRP A 599 37.23 30.73 13.58
C TRP A 599 38.13 31.96 13.50
N ILE A 600 38.65 32.41 14.64
CA ILE A 600 39.58 33.55 14.60
C ILE A 600 40.85 33.20 13.83
N THR A 601 41.32 31.95 13.92
CA THR A 601 42.55 31.57 13.22
C THR A 601 42.38 31.50 11.71
N LEU A 602 41.15 31.55 11.21
CA LEU A 602 40.92 31.50 9.77
C LEU A 602 41.54 32.74 9.10
N PRO A 603 41.86 32.63 7.81
CA PRO A 603 42.43 33.78 7.10
C PRO A 603 41.52 35.00 7.20
N LYS A 604 42.14 36.17 7.41
CA LYS A 604 41.37 37.39 7.59
C LYS A 604 40.55 37.74 6.35
N ASN A 605 41.03 37.35 5.17
CA ASN A 605 40.24 37.53 3.95
C ASN A 605 38.97 36.71 3.99
N HIS A 606 39.00 35.53 4.61
CA HIS A 606 37.78 34.73 4.76
C HIS A 606 36.85 35.36 5.79
N LYS A 607 37.39 35.80 6.93
CA LYS A 607 36.56 36.41 7.96
C LYS A 607 35.92 37.70 7.48
N SER A 608 36.57 38.41 6.55
CA SER A 608 36.03 39.68 6.07
C SER A 608 34.75 39.47 5.28
N HIS A 609 34.69 38.43 4.46
CA HIS A 609 33.52 38.14 3.63
C HIS A 609 32.73 36.93 4.14
N SER A 610 32.85 36.61 5.43
CA SER A 610 32.08 35.55 6.06
C SER A 610 30.76 36.09 6.61
N PRO A 611 29.69 35.30 6.57
CA PRO A 611 28.41 35.76 7.13
C PRO A 611 28.41 35.89 8.64
N LEU A 612 29.48 35.46 9.32
CA LEU A 612 29.50 35.41 10.78
C LEU A 612 30.32 36.51 11.42
N ARG A 613 30.85 37.46 10.64
CA ARG A 613 31.74 38.46 11.22
C ARG A 613 31.03 39.32 12.25
N ASP A 614 29.72 39.53 12.08
CA ASP A 614 28.97 40.34 13.04
C ASP A 614 28.74 39.63 14.37
N TYR A 615 28.83 38.30 14.39
CA TYR A 615 28.68 37.54 15.62
C TYR A 615 29.98 37.45 16.41
N MET A 616 31.11 37.76 15.80
CA MET A 616 32.42 37.68 16.44
C MET A 616 33.27 38.87 16.04
N MET A 617 32.72 40.08 16.22
CA MET A 617 33.43 41.29 15.82
C MET A 617 34.75 41.43 16.56
N ASP A 618 34.71 41.33 17.89
CA ASP A 618 35.92 41.35 18.70
C ASP A 618 36.59 39.98 18.59
N GLU A 619 37.63 39.90 17.77
CA GLU A 619 38.39 38.66 17.62
C GLU A 619 39.36 38.51 18.77
N GLN B 1 -28.27 -6.13 -8.02
CA GLN B 1 -29.31 -7.02 -8.54
C GLN B 1 -30.08 -6.33 -9.66
N VAL B 2 -29.99 -6.87 -10.87
CA VAL B 2 -30.73 -6.34 -11.99
C VAL B 2 -32.17 -6.84 -11.93
N GLN B 3 -33.12 -5.94 -12.14
CA GLN B 3 -34.53 -6.31 -12.23
C GLN B 3 -34.88 -6.56 -13.69
N LEU B 4 -35.49 -7.72 -13.96
CA LEU B 4 -35.86 -8.12 -15.31
C LEU B 4 -37.35 -8.40 -15.36
N GLN B 5 -38.04 -7.82 -16.34
CA GLN B 5 -39.46 -8.07 -16.52
C GLN B 5 -39.74 -8.37 -17.99
N GLU B 6 -40.23 -9.57 -18.27
CA GLU B 6 -40.59 -9.96 -19.63
C GLU B 6 -42.02 -9.58 -19.95
N SER B 7 -42.27 -9.36 -21.24
CA SER B 7 -43.60 -9.04 -21.73
C SER B 7 -43.66 -9.37 -23.21
N GLY B 8 -44.88 -9.50 -23.72
CA GLY B 8 -45.12 -9.71 -25.14
C GLY B 8 -45.55 -11.12 -25.51
N GLY B 9 -45.51 -12.07 -24.58
CA GLY B 9 -45.96 -13.40 -24.87
C GLY B 9 -47.45 -13.46 -25.15
N GLY B 10 -47.87 -14.59 -25.71
CA GLY B 10 -49.27 -14.77 -26.03
C GLY B 10 -49.47 -15.95 -26.96
N LEU B 11 -50.65 -15.96 -27.59
CA LEU B 11 -51.02 -17.01 -28.52
C LEU B 11 -50.67 -16.58 -29.94
N VAL B 12 -50.02 -17.48 -30.68
CA VAL B 12 -49.59 -17.18 -32.04
C VAL B 12 -49.82 -18.42 -32.91
N GLN B 13 -50.28 -18.19 -34.14
CA GLN B 13 -50.48 -19.27 -35.08
C GLN B 13 -49.12 -19.83 -35.53
N ALA B 14 -49.12 -21.11 -35.88
CA ALA B 14 -47.91 -21.74 -36.36
C ALA B 14 -47.37 -21.01 -37.59
N GLY B 15 -46.06 -20.80 -37.62
CA GLY B 15 -45.41 -20.06 -38.66
C GLY B 15 -45.34 -18.56 -38.44
N GLY B 16 -45.95 -18.05 -37.37
CA GLY B 16 -45.98 -16.63 -37.12
C GLY B 16 -44.76 -16.12 -36.41
N SER B 17 -44.72 -14.80 -36.22
CA SER B 17 -43.65 -14.12 -35.53
C SER B 17 -44.18 -13.50 -34.24
N LEU B 18 -43.28 -13.26 -33.30
CA LEU B 18 -43.67 -12.66 -32.02
C LEU B 18 -42.43 -12.05 -31.38
N ARG B 19 -42.55 -10.83 -30.89
CA ARG B 19 -41.44 -10.15 -30.24
C ARG B 19 -41.68 -10.12 -28.73
N LEU B 20 -40.72 -10.64 -27.96
CA LEU B 20 -40.74 -10.55 -26.51
C LEU B 20 -39.77 -9.47 -26.06
N SER B 21 -40.21 -8.65 -25.12
CA SER B 21 -39.39 -7.61 -24.53
C SER B 21 -39.00 -7.99 -23.12
N CYS B 22 -37.84 -7.49 -22.69
CA CYS B 22 -37.31 -7.72 -21.34
C CYS B 22 -36.77 -6.38 -20.85
N ALA B 23 -37.52 -5.75 -19.96
CA ALA B 23 -37.10 -4.49 -19.36
C ALA B 23 -36.11 -4.77 -18.23
N THR B 24 -34.95 -4.13 -18.30
CA THR B 24 -33.90 -4.24 -17.29
C THR B 24 -33.82 -2.94 -16.51
N SER B 25 -33.57 -3.05 -15.21
CA SER B 25 -33.56 -1.89 -14.32
C SER B 25 -32.29 -1.03 -14.48
N THR B 26 -31.27 -1.53 -15.15
CA THR B 26 -30.06 -0.76 -15.39
C THR B 26 -29.46 -1.17 -16.72
N HIS B 27 -28.57 -0.33 -17.23
CA HIS B 27 -27.90 -0.63 -18.49
C HIS B 27 -27.04 -1.87 -18.35
N THR B 28 -27.07 -2.73 -19.36
CA THR B 28 -26.38 -4.01 -19.33
C THR B 28 -25.27 -4.13 -20.35
N ALA B 29 -25.07 -3.12 -21.19
CA ALA B 29 -24.00 -3.16 -22.18
C ALA B 29 -22.64 -3.17 -21.49
N GLY B 30 -21.85 -4.21 -21.73
CA GLY B 30 -20.57 -4.35 -21.06
C GLY B 30 -20.67 -4.51 -19.57
N GLN B 31 -21.83 -4.92 -19.07
CA GLN B 31 -22.11 -5.05 -17.64
C GLN B 31 -22.65 -6.41 -17.27
N TYR B 32 -23.57 -6.95 -18.06
CA TYR B 32 -24.15 -8.26 -17.83
C TYR B 32 -24.35 -8.96 -19.16
N THR B 33 -24.02 -10.25 -19.19
CA THR B 33 -24.46 -11.10 -20.28
C THR B 33 -25.96 -11.33 -20.15
N MET B 34 -26.69 -11.09 -21.25
CA MET B 34 -28.14 -11.18 -21.26
C MET B 34 -28.56 -12.37 -22.11
N ALA B 35 -29.40 -13.24 -21.55
CA ALA B 35 -29.81 -14.44 -22.25
C ALA B 35 -31.33 -14.61 -22.21
N TRP B 36 -31.83 -15.33 -23.20
CA TRP B 36 -33.20 -15.82 -23.22
C TRP B 36 -33.17 -17.33 -23.07
N PHE B 37 -33.93 -17.83 -22.08
CA PHE B 37 -34.16 -19.23 -21.84
C PHE B 37 -35.65 -19.52 -22.02
N ARG B 38 -35.99 -20.80 -22.19
CA ARG B 38 -37.38 -21.21 -22.26
C ARG B 38 -37.56 -22.53 -21.55
N GLN B 39 -38.73 -22.72 -20.95
CA GLN B 39 -39.09 -23.94 -20.25
C GLN B 39 -40.47 -24.38 -20.72
N ALA B 40 -40.54 -25.56 -21.32
CA ALA B 40 -41.79 -26.12 -21.80
C ALA B 40 -42.44 -26.96 -20.71
N PRO B 41 -43.74 -27.27 -20.83
CA PRO B 41 -44.39 -28.12 -19.82
C PRO B 41 -43.67 -29.44 -19.57
N GLY B 42 -43.26 -29.67 -18.34
CA GLY B 42 -42.57 -30.89 -17.94
C GLY B 42 -41.07 -30.92 -18.18
N LYS B 43 -40.62 -30.31 -19.27
CA LYS B 43 -39.20 -30.31 -19.62
C LYS B 43 -38.44 -29.36 -18.70
N GLU B 44 -37.16 -29.15 -19.00
CA GLU B 44 -36.28 -28.33 -18.18
C GLU B 44 -36.03 -26.98 -18.87
N ARG B 45 -35.49 -26.05 -18.09
CA ARG B 45 -35.21 -24.71 -18.58
C ARG B 45 -34.01 -24.75 -19.52
N GLU B 46 -34.27 -24.62 -20.83
CA GLU B 46 -33.23 -24.77 -21.84
C GLU B 46 -32.89 -23.42 -22.47
N PHE B 47 -31.72 -23.37 -23.10
CA PHE B 47 -31.14 -22.12 -23.58
C PHE B 47 -31.66 -21.76 -24.97
N VAL B 48 -31.88 -20.46 -25.19
CA VAL B 48 -32.40 -19.99 -26.48
C VAL B 48 -31.42 -19.03 -27.14
N ALA B 49 -31.01 -17.97 -26.43
CA ALA B 49 -30.16 -16.97 -27.08
C ALA B 49 -29.35 -16.23 -26.05
N VAL B 50 -28.24 -15.62 -26.51
CA VAL B 50 -27.33 -14.89 -25.62
C VAL B 50 -26.74 -13.70 -26.35
N LEU B 51 -26.52 -12.63 -25.58
CA LEU B 51 -25.82 -11.43 -26.00
C LEU B 51 -24.80 -11.12 -24.90
N ARG B 52 -23.51 -11.24 -25.23
CA ARG B 52 -22.46 -11.32 -24.23
C ARG B 52 -22.02 -9.94 -23.75
N TRP B 53 -21.70 -9.85 -22.46
CA TRP B 53 -21.13 -8.63 -21.91
C TRP B 53 -19.75 -8.35 -22.48
N SER B 54 -19.02 -9.40 -22.85
CA SER B 54 -17.62 -9.24 -23.25
C SER B 54 -17.49 -8.42 -24.52
N ASP B 55 -18.13 -8.86 -25.60
CA ASP B 55 -17.87 -8.30 -26.91
C ASP B 55 -19.12 -7.94 -27.69
N TYR B 56 -20.29 -7.88 -27.04
CA TYR B 56 -21.56 -7.57 -27.68
C TYR B 56 -21.98 -8.61 -28.72
N SER B 57 -21.39 -9.81 -28.65
CA SER B 57 -21.67 -10.84 -29.64
C SER B 57 -22.93 -11.61 -29.26
N THR B 58 -23.63 -12.10 -30.28
CA THR B 58 -24.85 -12.88 -30.10
C THR B 58 -24.61 -14.33 -30.49
N ASP B 59 -25.32 -15.23 -29.81
CA ASP B 59 -25.27 -16.64 -30.15
C ASP B 59 -26.63 -17.26 -29.86
N TYR B 60 -26.92 -18.37 -30.54
CA TYR B 60 -28.23 -19.00 -30.47
C TYR B 60 -28.08 -20.50 -30.37
N ALA B 61 -29.06 -21.13 -29.71
CA ALA B 61 -29.18 -22.57 -29.76
C ALA B 61 -29.49 -22.99 -31.20
N ASN B 62 -29.10 -24.22 -31.54
CA ASN B 62 -29.24 -24.67 -32.92
C ASN B 62 -30.70 -24.74 -33.36
N SER B 63 -31.62 -24.92 -32.41
CA SER B 63 -33.04 -25.01 -32.77
C SER B 63 -33.64 -23.66 -33.14
N VAL B 64 -32.95 -22.55 -32.89
CA VAL B 64 -33.52 -21.23 -33.14
C VAL B 64 -32.59 -20.39 -33.99
N LYS B 65 -31.38 -20.89 -34.26
CA LYS B 65 -30.41 -20.10 -35.01
C LYS B 65 -30.92 -19.86 -36.43
N ASN B 66 -30.82 -18.62 -36.87
CA ASN B 66 -31.26 -18.13 -38.18
C ASN B 66 -32.78 -18.01 -38.28
N ARG B 67 -33.50 -18.12 -37.16
CA ARG B 67 -34.91 -17.75 -37.12
C ARG B 67 -35.29 -16.89 -35.92
N PHE B 68 -34.49 -16.88 -34.86
CA PHE B 68 -34.68 -15.99 -33.73
C PHE B 68 -33.59 -14.92 -33.73
N THR B 69 -33.90 -13.76 -33.14
CA THR B 69 -32.96 -12.65 -33.09
C THR B 69 -33.02 -12.01 -31.71
N ILE B 70 -31.89 -12.01 -31.01
CA ILE B 70 -31.76 -11.29 -29.74
C ILE B 70 -31.10 -9.95 -30.03
N SER B 71 -31.60 -8.91 -29.36
CA SER B 71 -31.08 -7.56 -29.58
C SER B 71 -31.27 -6.75 -28.30
N ARG B 72 -30.73 -5.54 -28.30
CA ARG B 72 -30.85 -4.67 -27.14
C ARG B 72 -30.96 -3.21 -27.59
N ASP B 73 -32.00 -2.54 -27.10
CA ASP B 73 -32.06 -1.08 -27.12
C ASP B 73 -31.42 -0.59 -25.83
N ASN B 74 -30.25 0.04 -25.96
CA ASN B 74 -29.50 0.52 -24.80
C ASN B 74 -30.14 1.77 -24.22
N ALA B 75 -30.80 2.58 -25.05
CA ALA B 75 -31.44 3.79 -24.54
C ALA B 75 -32.63 3.44 -23.64
N LYS B 76 -33.48 2.53 -24.08
CA LYS B 76 -34.66 2.12 -23.33
C LYS B 76 -34.37 1.04 -22.31
N ASN B 77 -33.12 0.58 -22.20
CA ASN B 77 -32.75 -0.51 -21.30
C ASN B 77 -33.64 -1.74 -21.52
N THR B 78 -33.73 -2.16 -22.78
CA THR B 78 -34.63 -3.25 -23.14
C THR B 78 -33.90 -4.28 -23.99
N VAL B 79 -34.13 -5.56 -23.73
CA VAL B 79 -33.58 -6.65 -24.51
C VAL B 79 -34.73 -7.36 -25.20
N TYR B 80 -34.64 -7.52 -26.52
CA TYR B 80 -35.69 -8.12 -27.32
C TYR B 80 -35.28 -9.49 -27.83
N LEU B 81 -36.28 -10.38 -27.94
CA LEU B 81 -36.18 -11.62 -28.69
C LEU B 81 -37.30 -11.64 -29.73
N GLN B 82 -36.94 -11.44 -30.99
CA GLN B 82 -37.88 -11.55 -32.09
C GLN B 82 -37.85 -12.99 -32.59
N MET B 83 -39.00 -13.65 -32.59
CA MET B 83 -39.13 -15.05 -32.96
C MET B 83 -39.87 -15.14 -34.29
N ASN B 84 -39.34 -15.97 -35.19
CA ASN B 84 -39.92 -16.21 -36.50
C ASN B 84 -40.02 -17.71 -36.72
N SER B 85 -40.85 -18.09 -37.70
CA SER B 85 -41.04 -19.50 -38.07
C SER B 85 -41.42 -20.34 -36.86
N LEU B 86 -42.34 -19.81 -36.05
CA LEU B 86 -42.71 -20.47 -34.82
C LEU B 86 -43.43 -21.79 -35.08
N LYS B 87 -43.14 -22.78 -34.24
CA LYS B 87 -43.68 -24.12 -34.31
C LYS B 87 -44.39 -24.47 -33.01
N PRO B 88 -45.33 -25.43 -33.04
CA PRO B 88 -46.03 -25.78 -31.80
C PRO B 88 -45.09 -26.21 -30.68
N GLU B 89 -43.94 -26.79 -30.99
CA GLU B 89 -42.99 -27.21 -29.96
C GLU B 89 -42.22 -26.04 -29.35
N ASP B 90 -42.40 -24.83 -29.85
CA ASP B 90 -41.83 -23.66 -29.20
C ASP B 90 -42.68 -23.16 -28.05
N THR B 91 -43.85 -23.76 -27.82
CA THR B 91 -44.72 -23.39 -26.71
C THR B 91 -43.99 -23.57 -25.38
N ALA B 92 -43.80 -22.48 -24.65
CA ALA B 92 -43.04 -22.53 -23.41
C ALA B 92 -43.16 -21.21 -22.68
N VAL B 93 -42.69 -21.19 -21.44
CA VAL B 93 -42.49 -19.96 -20.69
C VAL B 93 -41.09 -19.45 -21.00
N TYR B 94 -41.00 -18.20 -21.47
CA TYR B 94 -39.73 -17.62 -21.84
C TYR B 94 -39.26 -16.65 -20.75
N TYR B 95 -38.02 -16.84 -20.30
CA TYR B 95 -37.39 -15.99 -19.31
C TYR B 95 -36.21 -15.25 -19.94
N CYS B 96 -35.96 -14.04 -19.46
CA CYS B 96 -34.69 -13.35 -19.70
C CYS B 96 -33.88 -13.34 -18.42
N ALA B 97 -32.57 -13.53 -18.56
CA ALA B 97 -31.66 -13.67 -17.44
C ALA B 97 -30.44 -12.80 -17.65
N ALA B 98 -29.87 -12.33 -16.54
CA ALA B 98 -28.67 -11.51 -16.52
C ALA B 98 -27.62 -12.20 -15.66
N GLY B 99 -26.37 -12.21 -16.15
CA GLY B 99 -25.30 -12.83 -15.42
C GLY B 99 -23.96 -12.20 -15.68
N TRP B 100 -22.96 -12.63 -14.91
CA TRP B 100 -21.58 -12.23 -15.11
C TRP B 100 -20.66 -13.21 -14.38
N PRO B 101 -19.57 -13.67 -15.02
CA PRO B 101 -19.17 -13.31 -16.38
C PRO B 101 -19.76 -14.22 -17.46
N VAL B 102 -20.46 -15.28 -17.03
CA VAL B 102 -21.10 -16.24 -17.93
C VAL B 102 -20.10 -16.77 -18.93
N LYS B 103 -19.17 -17.60 -18.47
CA LYS B 103 -18.24 -18.26 -19.37
C LYS B 103 -18.84 -19.50 -20.00
N VAL B 104 -20.07 -19.85 -19.66
CA VAL B 104 -20.82 -20.95 -20.26
C VAL B 104 -22.21 -20.41 -20.55
N ILE B 105 -22.45 -20.00 -21.81
CA ILE B 105 -23.67 -19.27 -22.12
C ILE B 105 -24.90 -20.15 -21.92
N SER B 106 -24.79 -21.45 -22.18
CA SER B 106 -25.95 -22.33 -22.20
C SER B 106 -26.34 -22.86 -20.83
N SER B 107 -25.56 -22.59 -19.80
CA SER B 107 -25.84 -23.10 -18.46
C SER B 107 -26.64 -22.05 -17.68
N ALA B 108 -27.81 -22.45 -17.18
CA ALA B 108 -28.65 -21.54 -16.42
C ALA B 108 -28.01 -21.13 -15.10
N ASP B 109 -27.06 -21.91 -14.58
CA ASP B 109 -26.43 -21.60 -13.31
C ASP B 109 -25.50 -20.40 -13.40
N GLU B 110 -25.11 -19.98 -14.60
CA GLU B 110 -24.22 -18.84 -14.77
C GLU B 110 -24.92 -17.50 -14.57
N TYR B 111 -26.26 -17.49 -14.59
CA TYR B 111 -27.02 -16.25 -14.56
C TYR B 111 -27.59 -16.01 -13.17
N ILE B 112 -27.33 -14.82 -12.61
CA ILE B 112 -27.70 -14.56 -11.23
C ILE B 112 -29.08 -13.91 -11.11
N ASN B 113 -29.55 -13.19 -12.14
CA ASN B 113 -30.84 -12.52 -12.09
C ASN B 113 -31.77 -13.09 -13.16
N TRP B 114 -33.04 -13.24 -12.80
CA TRP B 114 -34.04 -13.84 -13.68
C TRP B 114 -35.33 -13.05 -13.61
N GLY B 115 -36.13 -13.17 -14.68
CA GLY B 115 -37.46 -12.62 -14.71
C GLY B 115 -38.52 -13.65 -14.40
N GLN B 116 -39.75 -13.17 -14.19
CA GLN B 116 -40.84 -14.08 -13.87
C GLN B 116 -41.29 -14.90 -15.07
N GLY B 117 -40.97 -14.47 -16.28
CA GLY B 117 -41.29 -15.23 -17.46
C GLY B 117 -42.57 -14.76 -18.14
N THR B 118 -42.70 -15.10 -19.42
CA THR B 118 -43.89 -14.78 -20.18
C THR B 118 -44.27 -16.00 -21.03
N GLN B 119 -45.55 -16.33 -21.05
CA GLN B 119 -46.02 -17.52 -21.73
C GLN B 119 -46.13 -17.28 -23.22
N VAL B 120 -45.66 -18.25 -24.01
CA VAL B 120 -45.83 -18.24 -25.47
C VAL B 120 -46.46 -19.56 -25.86
N THR B 121 -47.61 -19.49 -26.52
CA THR B 121 -48.35 -20.67 -26.97
C THR B 121 -48.50 -20.60 -28.48
N VAL B 122 -47.93 -21.58 -29.17
CA VAL B 122 -48.01 -21.67 -30.62
C VAL B 122 -49.01 -22.75 -30.98
N SER B 123 -50.06 -22.37 -31.71
CA SER B 123 -51.13 -23.29 -32.04
C SER B 123 -50.89 -23.95 -33.39
N SER B 124 -51.45 -25.16 -33.55
CA SER B 124 -51.25 -25.94 -34.77
C SER B 124 -52.08 -25.39 -35.94
N ALA B 125 -53.01 -26.20 -36.44
CA ALA B 125 -53.85 -25.79 -37.55
C ALA B 125 -55.16 -26.55 -37.45
N ALA B 126 -56.26 -25.82 -37.26
CA ALA B 126 -57.58 -26.44 -37.13
C ALA B 126 -58.07 -26.98 -38.47
#